data_5VAY
#
_entry.id   5VAY
#
_cell.length_a   85.205
_cell.length_b   53.192
_cell.length_c   91.413
_cell.angle_alpha   90.00
_cell.angle_beta   108.39
_cell.angle_gamma   90.00
#
_symmetry.space_group_name_H-M   'P 1 21 1'
#
loop_
_entity.id
_entity.type
_entity.pdbx_description
1 polymer 'Apoptosis regulator Bcl-2 -- Bcl-2-like protein 1 Chimera'
2 polymer Beclin-1
3 water water
#
loop_
_entity_poly.entity_id
_entity_poly.type
_entity_poly.pdbx_seq_one_letter_code
_entity_poly.pdbx_strand_id
1 'polypeptide(L)'
;GSMAHAGRTGYDNREIVMKYIHYKLSQRGYEWDAGDDVEENRTEAPEGTESEVVHLTLRQAGDDFSRRYRRDFAEMSSQL
HLTPFTARGRFATVVEELFRDGVNWGRIVAFFEFGGVMCVESVNREMSPLVDNIALWMTEYLNRHLHTWIQDNGGWDAFV
ELYGPSMR
;
A,B,C,D
2 'polypeptide(L)' DGGDMENLSRRLKVTGDLFDIMSGQT E,G,F,H
#
# COMPACT_ATOMS: atom_id res chain seq x y z
N GLY A 1 18.93 10.01 30.51
CA GLY A 1 18.23 8.95 29.81
C GLY A 1 18.03 9.26 28.34
N SER A 2 19.13 9.29 27.60
CA SER A 2 19.14 9.74 26.21
C SER A 2 19.68 8.66 25.27
N MET A 3 19.92 7.47 25.81
CA MET A 3 20.57 6.44 25.04
C MET A 3 19.56 5.66 24.21
N ALA A 4 18.31 5.66 24.64
CA ALA A 4 17.32 4.84 23.95
C ALA A 4 16.09 5.65 23.57
N HIS A 5 15.28 5.07 22.70
CA HIS A 5 14.07 5.69 22.20
C HIS A 5 13.10 6.02 23.33
N ALA A 6 12.41 7.15 23.20
CA ALA A 6 11.33 7.51 24.12
C ALA A 6 10.15 6.54 23.90
N GLY A 7 9.50 6.10 24.96
CA GLY A 7 8.29 5.29 24.83
C GLY A 7 8.57 3.99 24.09
N ARG A 8 9.69 3.36 24.43
CA ARG A 8 10.17 2.25 23.60
C ARG A 8 9.60 0.88 23.99
N THR A 9 8.62 0.83 24.89
CA THR A 9 8.08 -0.47 25.33
C THR A 9 6.55 -0.50 25.15
N GLY A 10 5.98 -1.71 25.19
CA GLY A 10 4.54 -1.85 25.08
C GLY A 10 3.78 -1.14 26.20
N TYR A 11 4.38 -1.10 27.37
CA TYR A 11 3.82 -0.41 28.51
C TYR A 11 3.68 1.09 28.19
N ASP A 12 4.67 1.63 27.52
CA ASP A 12 4.61 3.03 27.11
C ASP A 12 3.56 3.25 26.04
N ASN A 13 3.46 2.34 25.08
CA ASN A 13 2.43 2.47 24.04
C ASN A 13 1.04 2.44 24.66
N ARG A 14 0.88 1.60 25.69
CA ARG A 14 -0.37 1.57 26.40
C ARG A 14 -0.73 2.93 26.99
N GLU A 15 0.21 3.57 27.67
N GLU A 15 0.22 3.55 27.68
CA GLU A 15 -0.05 4.88 28.25
CA GLU A 15 0.02 4.89 28.25
C GLU A 15 -0.32 5.91 27.15
C GLU A 15 -0.33 5.88 27.15
N ILE A 16 0.36 5.78 26.03
CA ILE A 16 0.11 6.67 24.90
C ILE A 16 -1.32 6.53 24.39
N VAL A 17 -1.79 5.30 24.27
CA VAL A 17 -3.17 5.10 23.86
C VAL A 17 -4.15 5.66 24.89
N MET A 18 -3.91 5.36 26.17
CA MET A 18 -4.87 5.82 27.19
C MET A 18 -4.92 7.36 27.26
N LYS A 19 -3.76 8.00 27.19
CA LYS A 19 -3.77 9.47 27.21
C LYS A 19 -4.45 10.01 25.95
N TYR A 20 -4.25 9.36 24.81
CA TYR A 20 -4.85 9.87 23.59
C TYR A 20 -6.38 9.80 23.67
N ILE A 21 -6.89 8.64 24.07
N ILE A 21 -6.89 8.64 24.08
CA ILE A 21 -8.34 8.48 24.16
CA ILE A 21 -8.34 8.47 24.16
C ILE A 21 -8.94 9.44 25.20
C ILE A 21 -8.95 9.40 25.21
N HIS A 22 -8.26 9.62 26.32
CA HIS A 22 -8.76 10.53 27.34
C HIS A 22 -8.91 11.91 26.74
N TYR A 23 -7.90 12.33 25.97
CA TYR A 23 -7.95 13.63 25.31
C TYR A 23 -9.10 13.72 24.31
N LYS A 24 -9.22 12.73 23.42
CA LYS A 24 -10.27 12.78 22.39
C LYS A 24 -11.65 12.87 23.01
N LEU A 25 -11.85 12.12 24.09
CA LEU A 25 -13.13 12.17 24.79
C LEU A 25 -13.30 13.51 25.50
N SER A 26 -12.21 14.07 26.03
CA SER A 26 -12.31 15.33 26.77
C SER A 26 -12.72 16.47 25.84
N GLN A 27 -12.36 16.35 24.57
CA GLN A 27 -12.72 17.38 23.61
C GLN A 27 -14.24 17.45 23.42
N ARG A 28 -14.92 16.38 23.81
N ARG A 28 -14.92 16.37 23.79
CA ARG A 28 -16.38 16.31 23.73
CA ARG A 28 -16.39 16.31 23.71
C ARG A 28 -17.03 16.50 25.09
C ARG A 28 -17.03 16.51 25.08
N GLY A 29 -16.21 16.77 26.10
CA GLY A 29 -16.71 16.95 27.46
C GLY A 29 -17.07 15.63 28.13
N TYR A 30 -16.60 14.53 27.58
N TYR A 30 -16.59 14.53 27.56
CA TYR A 30 -16.82 13.26 28.25
CA TYR A 30 -16.74 13.20 28.14
C TYR A 30 -15.60 12.84 29.03
C TYR A 30 -15.54 12.88 29.04
N GLU A 31 -15.76 12.68 30.33
CA GLU A 31 -14.67 12.31 31.23
C GLU A 31 -14.45 10.80 31.24
N TRP A 32 -13.20 10.39 31.04
CA TRP A 32 -12.82 8.99 31.00
C TRP A 32 -11.34 8.85 31.36
N ASP A 33 -11.01 7.91 32.22
CA ASP A 33 -9.64 7.43 32.20
C ASP A 33 -9.58 5.92 32.37
N ALA A 34 -8.43 5.34 32.09
CA ALA A 34 -8.26 3.89 32.09
C ALA A 34 -8.36 3.32 33.50
N SER A 51 7.87 10.56 27.95
CA SER A 51 6.88 10.45 26.89
C SER A 51 6.01 11.72 26.70
N GLU A 52 6.26 12.76 27.48
CA GLU A 52 5.32 13.90 27.50
C GLU A 52 5.25 14.66 26.18
N VAL A 53 6.39 14.95 25.57
CA VAL A 53 6.41 15.61 24.27
C VAL A 53 5.78 14.66 23.24
N VAL A 54 5.86 13.37 23.49
CA VAL A 54 5.26 12.41 22.57
C VAL A 54 3.73 12.53 22.62
N HIS A 55 3.16 12.58 23.81
CA HIS A 55 1.70 12.78 23.92
C HIS A 55 1.27 14.10 23.29
N LEU A 56 2.02 15.16 23.57
CA LEU A 56 1.73 16.48 23.02
C LEU A 56 1.76 16.48 21.50
N THR A 57 2.79 15.84 20.92
CA THR A 57 2.90 15.85 19.46
C THR A 57 1.78 15.04 18.81
N LEU A 58 1.42 13.93 19.44
CA LEU A 58 0.35 13.11 18.90
C LEU A 58 -1.01 13.83 18.99
N ARG A 59 -1.28 14.52 20.11
CA ARG A 59 -2.48 15.36 20.20
C ARG A 59 -2.56 16.30 19.00
N GLN A 60 -1.46 17.01 18.78
CA GLN A 60 -1.41 18.02 17.73
C GLN A 60 -1.60 17.38 16.36
N ALA A 61 -0.84 16.31 16.10
CA ALA A 61 -0.91 15.65 14.81
C ALA A 61 -2.32 15.13 14.52
N GLY A 62 -2.97 14.53 15.53
CA GLY A 62 -4.31 14.00 15.35
C GLY A 62 -5.33 15.10 15.11
N ASP A 63 -5.18 16.23 15.81
CA ASP A 63 -6.10 17.37 15.65
C ASP A 63 -5.94 17.95 14.26
N ASP A 64 -4.70 18.07 13.83
CA ASP A 64 -4.41 18.61 12.49
C ASP A 64 -4.88 17.65 11.39
N PHE A 65 -4.73 16.35 11.63
CA PHE A 65 -5.28 15.31 10.75
C PHE A 65 -6.77 15.46 10.61
N SER A 66 -7.44 15.54 11.75
CA SER A 66 -8.89 15.68 11.75
C SER A 66 -9.36 16.92 10.98
N ARG A 67 -8.67 18.05 11.19
CA ARG A 67 -9.01 19.28 10.49
C ARG A 67 -8.95 19.10 8.97
N ARG A 68 -7.84 18.50 8.50
CA ARG A 68 -7.70 18.22 7.07
C ARG A 68 -8.72 17.23 6.59
N TYR A 69 -8.91 16.15 7.35
CA TYR A 69 -9.88 15.13 6.99
C TYR A 69 -11.27 15.75 6.78
N ARG A 70 -11.68 16.55 7.76
CA ARG A 70 -13.02 17.13 7.75
C ARG A 70 -13.20 18.16 6.64
N ARG A 71 -12.12 18.76 6.15
CA ARG A 71 -12.23 19.69 5.02
C ARG A 71 -12.78 19.02 3.76
N ASP A 72 -12.51 17.72 3.64
CA ASP A 72 -12.82 16.96 2.42
C ASP A 72 -13.88 15.90 2.60
N PHE A 73 -13.99 15.33 3.80
CA PHE A 73 -14.94 14.25 4.03
C PHE A 73 -15.91 14.58 5.15
N ALA A 74 -17.07 13.95 5.15
CA ALA A 74 -18.03 14.13 6.22
C ALA A 74 -17.44 13.52 7.49
N GLU A 75 -18.08 13.81 8.63
CA GLU A 75 -17.67 13.25 9.91
C GLU A 75 -17.42 11.74 9.81
N MET A 76 -16.25 11.33 10.28
CA MET A 76 -15.81 9.94 10.21
C MET A 76 -16.82 8.96 10.80
N SER A 77 -17.57 9.40 11.80
CA SER A 77 -18.51 8.54 12.50
C SER A 77 -19.77 8.28 11.67
N SER A 78 -19.88 8.94 10.52
CA SER A 78 -21.08 8.80 9.68
C SER A 78 -21.08 7.48 8.92
N GLN A 79 -20.01 6.71 9.02
CA GLN A 79 -19.95 5.45 8.30
C GLN A 79 -19.56 4.26 9.17
N LEU A 80 -19.89 4.30 10.47
CA LEU A 80 -19.39 3.30 11.41
C LEU A 80 -20.37 2.17 11.76
N HIS A 81 -21.60 2.53 12.09
CA HIS A 81 -22.63 1.55 12.46
C HIS A 81 -22.18 0.65 13.61
N LEU A 82 -21.78 1.26 14.71
CA LEU A 82 -21.31 0.52 15.88
C LEU A 82 -22.41 -0.23 16.59
N THR A 83 -22.17 -1.52 16.84
CA THR A 83 -22.90 -2.24 17.87
C THR A 83 -21.88 -2.95 18.74
N PRO A 84 -22.26 -3.30 19.97
CA PRO A 84 -21.30 -4.03 20.80
C PRO A 84 -20.80 -5.34 20.17
N PHE A 85 -21.66 -6.03 19.41
CA PHE A 85 -21.23 -7.30 18.83
C PHE A 85 -20.27 -7.14 17.65
N THR A 86 -20.40 -6.03 16.91
CA THR A 86 -19.63 -5.87 15.69
C THR A 86 -18.43 -4.90 15.83
N ALA A 87 -18.32 -4.24 16.97
CA ALA A 87 -17.31 -3.17 17.11
C ALA A 87 -15.87 -3.68 16.90
N ARG A 88 -15.53 -4.82 17.52
CA ARG A 88 -14.18 -5.36 17.36
C ARG A 88 -13.84 -5.71 15.91
N GLY A 89 -14.78 -6.37 15.22
CA GLY A 89 -14.56 -6.67 13.82
C GLY A 89 -14.49 -5.46 12.90
N ARG A 90 -15.31 -4.44 13.18
CA ARG A 90 -15.24 -3.19 12.46
C ARG A 90 -13.84 -2.59 12.63
N PHE A 91 -13.39 -2.54 13.88
CA PHE A 91 -12.06 -2.00 14.18
C PHE A 91 -10.97 -2.77 13.40
N ALA A 92 -10.97 -4.09 13.53
CA ALA A 92 -9.93 -4.93 12.94
C ALA A 92 -9.91 -4.80 11.42
N THR A 93 -11.08 -4.80 10.80
CA THR A 93 -11.19 -4.66 9.35
C THR A 93 -10.59 -3.36 8.85
N VAL A 94 -10.97 -2.27 9.50
CA VAL A 94 -10.49 -0.97 9.10
C VAL A 94 -8.97 -0.89 9.29
N VAL A 95 -8.48 -1.29 10.44
CA VAL A 95 -7.06 -1.13 10.71
C VAL A 95 -6.23 -2.08 9.84
N GLU A 96 -6.74 -3.29 9.60
N GLU A 96 -6.73 -3.29 9.60
CA GLU A 96 -6.01 -4.24 8.75
CA GLU A 96 -5.98 -4.23 8.78
C GLU A 96 -5.80 -3.66 7.36
C GLU A 96 -5.82 -3.72 7.35
N GLU A 97 -6.85 -3.06 6.82
CA GLU A 97 -6.77 -2.44 5.49
C GLU A 97 -5.86 -1.23 5.46
N LEU A 98 -5.93 -0.41 6.52
CA LEU A 98 -5.06 0.75 6.67
C LEU A 98 -3.58 0.40 6.49
N PHE A 99 -3.17 -0.71 7.07
CA PHE A 99 -1.75 -1.04 7.07
C PHE A 99 -1.39 -2.21 6.16
N ARG A 100 -2.34 -2.63 5.32
CA ARG A 100 -2.15 -3.83 4.48
C ARG A 100 -0.91 -3.75 3.60
N ASP A 101 -0.67 -2.57 3.02
CA ASP A 101 0.46 -2.40 2.14
C ASP A 101 1.53 -1.51 2.78
N GLY A 102 1.49 -1.37 4.09
CA GLY A 102 2.61 -0.72 4.75
C GLY A 102 2.26 0.25 5.84
N VAL A 103 3.32 0.73 6.50
CA VAL A 103 3.20 1.57 7.68
C VAL A 103 3.96 2.85 7.43
N ASN A 104 3.39 3.98 7.83
CA ASN A 104 4.15 5.20 7.91
C ASN A 104 3.53 6.03 9.02
N TRP A 105 4.19 7.12 9.41
CA TRP A 105 3.68 7.88 10.56
C TRP A 105 2.29 8.46 10.30
N GLY A 106 2.02 8.81 9.05
CA GLY A 106 0.73 9.41 8.71
C GLY A 106 -0.39 8.40 8.95
N ARG A 107 -0.14 7.14 8.58
CA ARG A 107 -1.13 6.10 8.82
C ARG A 107 -1.27 5.79 10.30
N ILE A 108 -0.17 5.91 11.04
CA ILE A 108 -0.27 5.73 12.49
C ILE A 108 -1.15 6.84 13.11
N VAL A 109 -0.96 8.08 12.66
CA VAL A 109 -1.87 9.13 13.15
C VAL A 109 -3.33 8.83 12.77
N ALA A 110 -3.53 8.37 11.55
CA ALA A 110 -4.87 7.96 11.10
C ALA A 110 -5.45 6.87 12.01
N PHE A 111 -4.61 5.93 12.38
CA PHE A 111 -4.99 4.88 13.32
C PHE A 111 -5.45 5.45 14.67
N PHE A 112 -4.68 6.37 15.23
CA PHE A 112 -5.10 6.96 16.52
C PHE A 112 -6.41 7.69 16.35
N GLU A 113 -6.54 8.43 15.26
CA GLU A 113 -7.78 9.20 15.06
C GLU A 113 -8.99 8.30 14.90
N PHE A 114 -8.82 7.21 14.17
CA PHE A 114 -9.91 6.25 13.97
C PHE A 114 -10.33 5.66 15.31
N GLY A 115 -9.34 5.27 16.11
CA GLY A 115 -9.66 4.73 17.42
C GLY A 115 -10.38 5.75 18.27
N GLY A 116 -9.92 7.00 18.23
CA GLY A 116 -10.61 8.04 18.97
C GLY A 116 -12.05 8.24 18.51
N VAL A 117 -12.27 8.19 17.20
CA VAL A 117 -13.62 8.29 16.68
C VAL A 117 -14.51 7.13 17.14
N MET A 118 -13.96 5.92 17.12
N MET A 118 -13.98 5.92 17.15
CA MET A 118 -14.68 4.76 17.65
CA MET A 118 -14.76 4.79 17.65
C MET A 118 -15.11 5.01 19.09
C MET A 118 -15.12 4.98 19.12
N CYS A 119 -14.19 5.52 19.91
CA CYS A 119 -14.51 5.78 21.32
C CYS A 119 -15.57 6.87 21.48
N VAL A 120 -15.42 7.97 20.74
CA VAL A 120 -16.39 9.05 20.81
C VAL A 120 -17.76 8.55 20.40
N GLU A 121 -17.81 7.81 19.29
CA GLU A 121 -19.09 7.33 18.81
C GLU A 121 -19.70 6.31 19.79
N SER A 122 -18.85 5.57 20.49
CA SER A 122 -19.34 4.62 21.49
C SER A 122 -20.09 5.34 22.59
N VAL A 123 -19.51 6.42 23.08
CA VAL A 123 -20.14 7.19 24.14
C VAL A 123 -21.39 7.88 23.62
N ASN A 124 -21.31 8.41 22.40
CA ASN A 124 -22.48 9.06 21.78
C ASN A 124 -23.65 8.12 21.66
N ARG A 125 -23.35 6.84 21.43
CA ARG A 125 -24.38 5.86 21.14
C ARG A 125 -24.76 5.06 22.38
N GLU A 126 -24.38 5.57 23.54
CA GLU A 126 -24.67 4.96 24.85
C GLU A 126 -24.11 3.55 24.96
N MET A 127 -22.93 3.37 24.39
CA MET A 127 -22.18 2.12 24.51
C MET A 127 -20.83 2.42 25.12
N SER A 128 -20.80 3.27 26.15
N SER A 128 -20.82 3.28 26.14
CA SER A 128 -19.54 3.75 26.73
CA SER A 128 -19.59 3.76 26.78
C SER A 128 -18.59 2.68 27.31
C SER A 128 -18.62 2.66 27.23
N PRO A 129 -19.12 1.53 27.75
CA PRO A 129 -18.16 0.47 28.10
C PRO A 129 -17.25 0.03 26.95
N LEU A 130 -17.65 0.24 25.70
CA LEU A 130 -16.80 -0.15 24.60
C LEU A 130 -15.48 0.65 24.59
N VAL A 131 -15.47 1.83 25.21
CA VAL A 131 -14.26 2.65 25.22
C VAL A 131 -13.08 1.85 25.79
N ASP A 132 -13.31 1.14 26.89
CA ASP A 132 -12.24 0.40 27.54
C ASP A 132 -11.75 -0.69 26.60
N ASN A 133 -12.67 -1.29 25.85
CA ASN A 133 -12.27 -2.37 24.95
C ASN A 133 -11.46 -1.85 23.78
N ILE A 134 -11.94 -0.74 23.21
CA ILE A 134 -11.26 -0.13 22.08
C ILE A 134 -9.84 0.24 22.47
N ALA A 135 -9.66 0.80 23.67
CA ALA A 135 -8.32 1.14 24.16
C ALA A 135 -7.40 -0.09 24.18
N LEU A 136 -7.96 -1.23 24.58
N LEU A 136 -7.97 -1.23 24.58
CA LEU A 136 -7.17 -2.45 24.58
CA LEU A 136 -7.22 -2.47 24.59
C LEU A 136 -6.87 -2.92 23.16
C LEU A 136 -6.88 -2.92 23.16
N TRP A 137 -7.84 -2.81 22.26
CA TRP A 137 -7.61 -3.24 20.87
C TRP A 137 -6.53 -2.40 20.23
N MET A 138 -6.60 -1.10 20.47
CA MET A 138 -5.57 -0.21 19.95
C MET A 138 -4.20 -0.54 20.53
N THR A 139 -4.14 -0.73 21.83
CA THR A 139 -2.87 -1.05 22.47
C THR A 139 -2.32 -2.35 21.88
N GLU A 140 -3.19 -3.35 21.74
N GLU A 140 -3.16 -3.37 21.76
CA GLU A 140 -2.81 -4.65 21.22
CA GLU A 140 -2.66 -4.62 21.22
C GLU A 140 -2.32 -4.61 19.78
C GLU A 140 -2.19 -4.47 19.78
N TYR A 141 -2.98 -3.82 18.93
CA TYR A 141 -2.56 -3.66 17.54
C TYR A 141 -1.24 -2.89 17.44
N LEU A 142 -1.15 -1.78 18.17
CA LEU A 142 0.11 -1.05 18.25
C LEU A 142 1.28 -1.98 18.62
N ASN A 143 1.12 -2.74 19.69
CA ASN A 143 2.25 -3.53 20.16
C ASN A 143 2.55 -4.73 19.27
N ARG A 144 1.51 -5.30 18.68
CA ARG A 144 1.73 -6.47 17.82
C ARG A 144 2.22 -6.12 16.41
N HIS A 145 1.80 -4.98 15.88
CA HIS A 145 1.97 -4.73 14.43
C HIS A 145 2.66 -3.43 14.08
N LEU A 146 2.70 -2.48 15.01
CA LEU A 146 3.30 -1.19 14.68
C LEU A 146 4.61 -0.93 15.43
N HIS A 147 4.74 -1.51 16.61
CA HIS A 147 5.86 -1.20 17.50
C HIS A 147 7.22 -1.53 16.90
N THR A 148 7.34 -2.68 16.25
CA THR A 148 8.63 -3.00 15.66
C THR A 148 8.92 -2.02 14.50
N TRP A 149 7.91 -1.65 13.73
CA TRP A 149 8.13 -0.63 12.70
C TRP A 149 8.58 0.70 13.35
N ILE A 150 7.94 1.05 14.45
CA ILE A 150 8.29 2.30 15.13
C ILE A 150 9.76 2.28 15.56
N GLN A 151 10.19 1.17 16.18
CA GLN A 151 11.58 1.09 16.64
C GLN A 151 12.55 1.12 15.47
N ASP A 152 12.18 0.44 14.38
CA ASP A 152 13.03 0.38 13.18
C ASP A 152 13.10 1.70 12.43
N ASN A 153 12.20 2.63 12.76
CA ASN A 153 12.10 3.87 12.02
C ASN A 153 12.27 5.10 12.90
N GLY A 154 13.12 4.95 13.91
CA GLY A 154 13.58 6.07 14.71
C GLY A 154 12.85 6.30 16.01
N GLY A 155 11.89 5.44 16.36
CA GLY A 155 11.19 5.54 17.63
C GLY A 155 10.14 6.66 17.60
N TRP A 156 9.42 6.85 18.70
CA TRP A 156 8.52 7.99 18.82
C TRP A 156 9.34 9.28 18.69
N ASP A 157 10.65 9.20 18.96
CA ASP A 157 11.54 10.34 18.80
C ASP A 157 11.51 10.88 17.38
N ALA A 158 11.55 9.98 16.40
CA ALA A 158 11.52 10.41 15.01
C ALA A 158 10.19 11.09 14.69
N PHE A 159 9.12 10.52 15.23
CA PHE A 159 7.79 11.12 15.07
C PHE A 159 7.74 12.55 15.61
N VAL A 160 8.26 12.73 16.83
CA VAL A 160 8.31 14.07 17.44
C VAL A 160 9.12 15.01 16.55
N GLU A 161 10.22 14.52 16.00
CA GLU A 161 11.07 15.35 15.15
C GLU A 161 10.34 15.77 13.87
N LEU A 162 9.62 14.83 13.25
CA LEU A 162 8.88 15.08 12.02
C LEU A 162 7.56 15.85 12.19
N TYR A 163 6.84 15.61 13.29
CA TYR A 163 5.48 16.17 13.45
C TYR A 163 5.41 17.25 14.52
N GLY A 164 6.52 17.46 15.20
CA GLY A 164 6.62 18.52 16.18
C GLY A 164 6.20 19.89 15.67
N PRO A 165 6.77 20.33 14.53
CA PRO A 165 6.33 21.57 13.89
C PRO A 165 4.86 21.56 13.43
N SER A 166 4.12 22.62 13.77
CA SER A 166 2.73 22.76 13.35
C SER A 166 2.57 22.80 11.83
N MET A 167 1.55 22.10 11.32
CA MET A 167 1.22 22.07 9.90
C MET A 167 2.41 21.63 9.03
N ALA B 6 -22.42 -36.89 1.22
CA ALA B 6 -23.76 -37.48 1.10
C ALA B 6 -24.59 -37.16 2.34
N GLY B 7 -25.45 -38.09 2.73
CA GLY B 7 -26.24 -37.94 3.94
C GLY B 7 -25.70 -38.80 5.08
N ARG B 8 -24.43 -38.60 5.41
CA ARG B 8 -23.77 -39.35 6.47
C ARG B 8 -23.87 -38.63 7.81
N THR B 9 -23.90 -39.42 8.89
CA THR B 9 -23.94 -38.90 10.25
C THR B 9 -22.82 -37.89 10.51
N GLY B 10 -21.59 -38.30 10.24
CA GLY B 10 -20.43 -37.44 10.45
C GLY B 10 -20.55 -36.15 9.66
N TYR B 11 -21.20 -36.23 8.51
CA TYR B 11 -21.38 -35.09 7.62
C TYR B 11 -22.42 -34.09 8.15
N ASP B 12 -23.50 -34.60 8.72
N ASP B 12 -23.50 -34.58 8.75
CA ASP B 12 -24.56 -33.76 9.27
CA ASP B 12 -24.54 -33.69 9.25
C ASP B 12 -24.12 -33.14 10.59
C ASP B 12 -24.24 -33.20 10.67
N ASN B 13 -23.31 -33.87 11.35
CA ASN B 13 -22.78 -33.35 12.60
C ASN B 13 -21.81 -32.25 12.31
N ARG B 14 -20.99 -32.46 11.29
CA ARG B 14 -20.10 -31.42 10.80
C ARG B 14 -20.93 -30.20 10.43
N GLU B 15 -22.02 -30.40 9.70
CA GLU B 15 -22.83 -29.27 9.27
C GLU B 15 -23.46 -28.55 10.45
N ILE B 16 -23.90 -29.27 11.47
CA ILE B 16 -24.40 -28.60 12.67
C ILE B 16 -23.32 -27.71 13.27
N VAL B 17 -22.10 -28.22 13.33
CA VAL B 17 -20.98 -27.43 13.85
C VAL B 17 -20.65 -26.25 12.93
N MET B 18 -20.49 -26.51 11.62
CA MET B 18 -20.16 -25.46 10.67
C MET B 18 -21.16 -24.30 10.66
N LYS B 19 -22.44 -24.64 10.67
CA LYS B 19 -23.47 -23.61 10.64
C LYS B 19 -23.44 -22.80 11.93
N TYR B 20 -23.23 -23.47 13.05
CA TYR B 20 -23.16 -22.78 14.33
C TYR B 20 -21.97 -21.80 14.35
N ILE B 21 -20.78 -22.27 13.98
CA ILE B 21 -19.62 -21.38 13.94
C ILE B 21 -19.82 -20.21 12.98
N HIS B 22 -20.39 -20.49 11.82
CA HIS B 22 -20.64 -19.47 10.80
C HIS B 22 -21.50 -18.35 11.42
N TYR B 23 -22.49 -18.74 12.19
CA TYR B 23 -23.37 -17.79 12.85
C TYR B 23 -22.63 -16.98 13.90
N LYS B 24 -21.86 -17.64 14.76
CA LYS B 24 -21.16 -16.93 15.82
C LYS B 24 -20.21 -15.92 15.22
N LEU B 25 -19.58 -16.29 14.10
CA LEU B 25 -18.66 -15.37 13.45
C LEU B 25 -19.41 -14.19 12.79
N SER B 26 -20.49 -14.50 12.07
CA SER B 26 -21.18 -13.47 11.29
C SER B 26 -21.92 -12.52 12.22
N GLN B 27 -22.28 -13.03 13.38
CA GLN B 27 -22.84 -12.27 14.47
C GLN B 27 -21.87 -11.17 14.92
N ARG B 28 -20.59 -11.45 14.72
CA ARG B 28 -19.51 -10.56 15.13
C ARG B 28 -18.97 -9.74 13.96
N GLY B 29 -19.55 -9.93 12.78
CA GLY B 29 -19.14 -9.16 11.61
C GLY B 29 -18.06 -9.82 10.78
N TYR B 30 -17.75 -11.07 11.11
CA TYR B 30 -16.73 -11.84 10.40
C TYR B 30 -17.40 -12.86 9.47
N GLU B 31 -16.89 -13.02 8.26
CA GLU B 31 -17.44 -14.06 7.39
C GLU B 31 -16.45 -15.19 7.18
N TRP B 32 -16.97 -16.41 7.11
CA TRP B 32 -16.16 -17.63 7.11
C TRP B 32 -16.80 -18.71 6.24
N ASP B 33 -16.01 -19.33 5.37
CA ASP B 33 -16.53 -20.37 4.49
C ASP B 33 -17.04 -21.59 5.27
N GLU B 50 -28.09 -31.41 10.13
CA GLU B 50 -29.45 -31.88 9.91
C GLU B 50 -30.32 -30.82 9.23
N SER B 51 -31.59 -30.73 9.62
CA SER B 51 -32.54 -29.83 8.99
C SER B 51 -32.52 -28.42 9.62
N GLU B 52 -33.11 -27.47 8.91
CA GLU B 52 -33.00 -26.05 9.26
C GLU B 52 -33.55 -25.71 10.64
N VAL B 53 -34.59 -26.41 11.10
CA VAL B 53 -35.15 -26.11 12.41
C VAL B 53 -34.16 -26.43 13.53
N VAL B 54 -33.37 -27.49 13.34
CA VAL B 54 -32.33 -27.80 14.33
C VAL B 54 -31.31 -26.65 14.41
N HIS B 55 -30.82 -26.20 13.26
CA HIS B 55 -29.82 -25.14 13.25
C HIS B 55 -30.38 -23.87 13.86
N LEU B 56 -31.63 -23.56 13.55
CA LEU B 56 -32.24 -22.34 14.08
C LEU B 56 -32.43 -22.42 15.60
N THR B 57 -32.84 -23.58 16.09
CA THR B 57 -33.10 -23.73 17.53
C THR B 57 -31.80 -23.61 18.29
N LEU B 58 -30.75 -24.19 17.72
CA LEU B 58 -29.44 -24.13 18.34
C LEU B 58 -28.91 -22.68 18.39
N ARG B 59 -29.11 -21.93 17.31
N ARG B 59 -29.07 -21.95 17.28
CA ARG B 59 -28.74 -20.52 17.29
CA ARG B 59 -28.76 -20.52 17.25
C ARG B 59 -29.44 -19.74 18.41
C ARG B 59 -29.43 -19.78 18.42
N GLN B 60 -30.74 -19.98 18.57
CA GLN B 60 -31.50 -19.28 19.59
C GLN B 60 -31.14 -19.72 21.01
N ALA B 61 -30.94 -21.03 21.20
CA ALA B 61 -30.54 -21.52 22.51
C ALA B 61 -29.18 -20.97 22.89
N GLY B 62 -28.27 -20.93 21.92
CA GLY B 62 -26.93 -20.43 22.20
C GLY B 62 -26.94 -18.94 22.52
N ASP B 63 -27.76 -18.18 21.80
CA ASP B 63 -27.81 -16.75 22.07
C ASP B 63 -28.36 -16.52 23.48
N ASP B 64 -29.34 -17.34 23.88
CA ASP B 64 -29.94 -17.22 25.21
C ASP B 64 -28.95 -17.59 26.28
N PHE B 65 -28.21 -18.66 26.03
CA PHE B 65 -27.12 -19.10 26.89
C PHE B 65 -26.09 -18.00 27.11
N SER B 66 -25.66 -17.38 26.02
N SER B 66 -25.64 -17.39 26.01
CA SER B 66 -24.64 -16.34 26.09
CA SER B 66 -24.64 -16.33 26.08
C SER B 66 -25.10 -15.14 26.92
C SER B 66 -25.10 -15.15 26.94
N ARG B 67 -26.37 -14.78 26.78
CA ARG B 67 -26.93 -13.67 27.56
C ARG B 67 -26.89 -13.98 29.05
N ARG B 68 -27.33 -15.19 29.41
CA ARG B 68 -27.34 -15.59 30.81
C ARG B 68 -25.93 -15.68 31.34
N TYR B 69 -25.03 -16.30 30.58
CA TYR B 69 -23.65 -16.42 30.98
C TYR B 69 -23.04 -15.03 31.26
N ARG B 70 -23.24 -14.10 30.34
CA ARG B 70 -22.65 -12.78 30.45
C ARG B 70 -23.25 -11.98 31.59
N ARG B 71 -24.53 -12.22 31.87
CA ARG B 71 -25.17 -11.57 33.01
C ARG B 71 -24.52 -11.96 34.33
N ASP B 72 -24.22 -13.25 34.50
CA ASP B 72 -23.65 -13.76 35.74
C ASP B 72 -22.14 -13.57 35.84
N PHE B 73 -21.44 -13.70 34.71
CA PHE B 73 -19.99 -13.85 34.73
C PHE B 73 -19.25 -12.87 33.79
N ALA B 74 -20.01 -12.01 33.11
CA ALA B 74 -19.48 -11.20 32.01
C ALA B 74 -18.79 -12.05 30.91
N GLU B 75 -18.47 -11.38 29.80
CA GLU B 75 -17.48 -11.87 28.82
C GLU B 75 -17.57 -13.32 28.31
N MET B 76 -16.99 -14.24 29.09
CA MET B 76 -16.39 -15.47 28.57
C MET B 76 -15.26 -15.03 27.64
N SER B 77 -14.27 -14.37 28.24
CA SER B 77 -13.08 -13.93 27.52
C SER B 77 -11.91 -14.80 27.89
N SER B 78 -11.10 -15.14 26.89
CA SER B 78 -9.89 -15.91 27.15
C SER B 78 -8.71 -14.96 27.15
N GLN B 79 -7.61 -15.40 27.76
CA GLN B 79 -6.34 -14.69 27.71
C GLN B 79 -5.94 -14.47 26.24
N LEU B 80 -5.85 -13.21 25.85
CA LEU B 80 -5.56 -12.86 24.45
C LEU B 80 -4.27 -13.51 23.91
N HIS B 81 -3.22 -13.58 24.72
CA HIS B 81 -2.02 -14.26 24.26
C HIS B 81 -2.19 -15.76 24.43
N LEU B 82 -2.34 -16.47 23.31
CA LEU B 82 -2.55 -17.92 23.30
C LEU B 82 -2.14 -18.54 21.95
N THR B 83 -1.67 -19.79 21.98
CA THR B 83 -1.16 -20.45 20.78
C THR B 83 -2.12 -21.54 20.34
N PRO B 84 -1.97 -22.06 19.10
CA PRO B 84 -2.78 -23.21 18.66
C PRO B 84 -2.65 -24.43 19.56
N PHE B 85 -1.44 -24.75 20.00
CA PHE B 85 -1.25 -25.88 20.93
C PHE B 85 -2.02 -25.68 22.24
N THR B 86 -1.95 -24.49 22.84
N THR B 86 -1.93 -24.48 22.80
CA THR B 86 -2.62 -24.33 24.12
CA THR B 86 -2.59 -24.19 24.07
C THR B 86 -4.13 -24.18 23.95
C THR B 86 -4.09 -24.26 23.89
N ALA B 87 -4.56 -23.73 22.77
CA ALA B 87 -6.00 -23.68 22.48
C ALA B 87 -6.57 -25.08 22.40
N ARG B 88 -5.82 -25.99 21.76
CA ARG B 88 -6.20 -27.38 21.66
C ARG B 88 -6.29 -28.00 23.03
N GLY B 89 -5.30 -27.70 23.87
CA GLY B 89 -5.27 -28.26 25.21
C GLY B 89 -6.41 -27.74 26.05
N ARG B 90 -6.73 -26.45 25.89
CA ARG B 90 -7.80 -25.84 26.67
C ARG B 90 -9.15 -26.39 26.22
N PHE B 91 -9.31 -26.62 24.92
CA PHE B 91 -10.55 -27.20 24.42
C PHE B 91 -10.78 -28.57 25.05
N ALA B 92 -9.77 -29.44 25.00
CA ALA B 92 -9.91 -30.79 25.55
C ALA B 92 -10.23 -30.69 27.03
N THR B 93 -9.51 -29.84 27.75
CA THR B 93 -9.69 -29.80 29.20
C THR B 93 -11.10 -29.34 29.60
N VAL B 94 -11.55 -28.24 29.01
CA VAL B 94 -12.83 -27.67 29.38
C VAL B 94 -13.97 -28.62 29.00
N VAL B 95 -13.88 -29.20 27.82
CA VAL B 95 -14.96 -30.07 27.34
C VAL B 95 -15.01 -31.37 28.16
N GLU B 96 -13.85 -31.96 28.49
CA GLU B 96 -13.87 -33.18 29.31
C GLU B 96 -14.46 -32.90 30.68
N GLU B 97 -14.17 -31.73 31.24
CA GLU B 97 -14.72 -31.39 32.54
C GLU B 97 -16.22 -31.09 32.46
N LEU B 98 -16.62 -30.42 31.39
CA LEU B 98 -18.03 -30.11 31.18
C LEU B 98 -18.89 -31.37 31.22
N PHE B 99 -18.40 -32.46 30.65
CA PHE B 99 -19.26 -33.64 30.53
C PHE B 99 -18.81 -34.79 31.40
N ARG B 100 -17.88 -34.52 32.32
CA ARG B 100 -17.26 -35.61 33.08
C ARG B 100 -18.29 -36.42 33.85
N ASP B 101 -19.22 -35.71 34.46
CA ASP B 101 -20.25 -36.34 35.27
C ASP B 101 -21.59 -36.39 34.54
N GLY B 102 -21.56 -36.30 33.22
CA GLY B 102 -22.77 -36.48 32.43
C GLY B 102 -23.07 -35.45 31.36
N VAL B 103 -24.09 -35.76 30.58
CA VAL B 103 -24.52 -34.98 29.43
C VAL B 103 -25.96 -34.57 29.64
N ASN B 104 -26.29 -33.34 29.30
CA ASN B 104 -27.69 -32.98 29.12
C ASN B 104 -27.75 -31.91 28.05
N TRP B 105 -28.94 -31.56 27.57
CA TRP B 105 -29.01 -30.60 26.46
C TRP B 105 -28.42 -29.22 26.81
N GLY B 106 -28.59 -28.81 28.06
CA GLY B 106 -28.04 -27.53 28.50
C GLY B 106 -26.52 -27.52 28.40
N ARG B 107 -25.90 -28.63 28.78
CA ARG B 107 -24.44 -28.75 28.65
C ARG B 107 -24.01 -28.84 27.18
N ILE B 108 -24.87 -29.40 26.33
CA ILE B 108 -24.52 -29.43 24.93
C ILE B 108 -24.59 -28.02 24.34
N VAL B 109 -25.56 -27.21 24.75
CA VAL B 109 -25.59 -25.81 24.29
C VAL B 109 -24.33 -25.07 24.80
N ALA B 110 -23.91 -25.38 26.01
CA ALA B 110 -22.68 -24.78 26.57
C ALA B 110 -21.45 -25.11 25.72
N PHE B 111 -21.40 -26.35 25.27
CA PHE B 111 -20.33 -26.86 24.41
C PHE B 111 -20.25 -26.10 23.08
N PHE B 112 -21.40 -25.91 22.43
CA PHE B 112 -21.41 -25.15 21.19
C PHE B 112 -20.99 -23.68 21.41
N GLU B 113 -21.52 -23.06 22.47
CA GLU B 113 -21.13 -21.69 22.76
C GLU B 113 -19.62 -21.58 23.09
N PHE B 114 -19.14 -22.51 23.88
CA PHE B 114 -17.70 -22.55 24.22
C PHE B 114 -16.84 -22.67 22.96
N GLY B 115 -17.20 -23.61 22.09
CA GLY B 115 -16.48 -23.74 20.83
C GLY B 115 -16.62 -22.49 19.97
N GLY B 116 -17.83 -21.94 19.92
CA GLY B 116 -18.08 -20.79 19.07
C GLY B 116 -17.25 -19.61 19.50
N VAL B 117 -17.20 -19.41 20.81
CA VAL B 117 -16.40 -18.35 21.37
C VAL B 117 -14.88 -18.56 21.12
N MET B 118 -14.41 -19.82 21.19
CA MET B 118 -13.01 -20.08 20.90
C MET B 118 -12.72 -19.70 19.45
N CYS B 119 -13.71 -19.87 18.57
CA CYS B 119 -13.51 -19.48 17.17
C CYS B 119 -13.43 -17.96 17.07
N VAL B 120 -14.37 -17.26 17.68
CA VAL B 120 -14.34 -15.80 17.70
C VAL B 120 -13.02 -15.29 18.23
N GLU B 121 -12.54 -15.90 19.32
CA GLU B 121 -11.32 -15.42 19.95
C GLU B 121 -10.12 -15.72 19.07
N SER B 122 -10.20 -16.79 18.30
CA SER B 122 -9.14 -17.12 17.38
C SER B 122 -9.05 -16.09 16.28
N VAL B 123 -10.19 -15.64 15.77
CA VAL B 123 -10.20 -14.58 14.76
C VAL B 123 -9.66 -13.29 15.41
N ASN B 124 -10.10 -13.02 16.64
CA ASN B 124 -9.60 -11.85 17.37
C ASN B 124 -8.07 -11.88 17.54
N ARG B 125 -7.53 -13.08 17.74
CA ARG B 125 -6.09 -13.29 17.98
C ARG B 125 -5.26 -13.39 16.70
N GLU B 126 -5.90 -13.14 15.57
CA GLU B 126 -5.28 -13.20 14.24
C GLU B 126 -4.79 -14.62 13.96
N MET B 127 -5.59 -15.58 14.40
CA MET B 127 -5.34 -17.00 14.13
C MET B 127 -6.60 -17.58 13.52
N SER B 128 -7.15 -16.90 12.52
CA SER B 128 -8.38 -17.38 11.90
C SER B 128 -8.33 -18.80 11.29
N PRO B 129 -7.14 -19.28 10.84
CA PRO B 129 -7.12 -20.67 10.39
C PRO B 129 -7.47 -21.69 11.48
N LEU B 130 -7.26 -21.33 12.73
CA LEU B 130 -7.55 -22.27 13.81
C LEU B 130 -9.06 -22.54 13.94
N VAL B 131 -9.88 -21.66 13.38
CA VAL B 131 -11.33 -21.90 13.35
C VAL B 131 -11.62 -23.25 12.68
N ASP B 132 -10.87 -23.58 11.64
CA ASP B 132 -11.07 -24.87 10.98
C ASP B 132 -10.71 -26.04 11.88
N ASN B 133 -9.63 -25.89 12.64
CA ASN B 133 -9.23 -26.91 13.60
C ASN B 133 -10.31 -27.09 14.66
N ILE B 134 -10.80 -25.97 15.19
CA ILE B 134 -11.81 -26.03 16.24
C ILE B 134 -13.09 -26.70 15.74
N ALA B 135 -13.49 -26.38 14.52
CA ALA B 135 -14.68 -27.00 13.94
C ALA B 135 -14.48 -28.52 13.87
N LEU B 136 -13.26 -28.94 13.57
CA LEU B 136 -12.96 -30.36 13.52
C LEU B 136 -12.99 -30.97 14.93
N TRP B 137 -12.47 -30.24 15.92
CA TRP B 137 -12.45 -30.78 17.29
C TRP B 137 -13.86 -30.92 17.78
N MET B 138 -14.67 -29.91 17.49
CA MET B 138 -16.07 -29.96 17.88
C MET B 138 -16.80 -31.10 17.20
N THR B 139 -16.57 -31.25 15.90
CA THR B 139 -17.26 -32.30 15.14
C THR B 139 -16.85 -33.67 15.65
N GLU B 140 -15.56 -33.85 15.93
CA GLU B 140 -15.12 -35.15 16.43
C GLU B 140 -15.67 -35.46 17.81
N TYR B 141 -15.77 -34.44 18.66
CA TYR B 141 -16.27 -34.68 20.01
C TYR B 141 -17.77 -35.02 19.95
N LEU B 142 -18.48 -34.30 19.08
CA LEU B 142 -19.86 -34.58 18.83
C LEU B 142 -20.04 -36.04 18.34
N ASN B 143 -19.29 -36.43 17.32
CA ASN B 143 -19.42 -37.78 16.76
C ASN B 143 -19.06 -38.86 17.78
N ARG B 144 -17.98 -38.61 18.52
CA ARG B 144 -17.39 -39.65 19.36
C ARG B 144 -18.01 -39.73 20.75
N HIS B 145 -18.30 -38.57 21.34
CA HIS B 145 -18.65 -38.51 22.76
C HIS B 145 -20.04 -37.97 23.09
N LEU B 146 -20.71 -37.34 22.14
CA LEU B 146 -22.05 -36.81 22.41
C LEU B 146 -23.15 -37.51 21.62
N HIS B 147 -22.83 -38.05 20.45
CA HIS B 147 -23.89 -38.50 19.54
C HIS B 147 -24.69 -39.67 20.14
N THR B 148 -24.02 -40.51 20.91
CA THR B 148 -24.67 -41.64 21.56
C THR B 148 -25.71 -41.17 22.56
N TRP B 149 -25.33 -40.26 23.47
CA TRP B 149 -26.30 -39.68 24.40
C TRP B 149 -27.45 -39.05 23.63
N ILE B 150 -27.09 -38.31 22.59
CA ILE B 150 -28.10 -37.62 21.77
C ILE B 150 -29.10 -38.64 21.21
N GLN B 151 -28.56 -39.69 20.59
N GLN B 151 -28.59 -39.72 20.63
CA GLN B 151 -29.38 -40.78 20.04
CA GLN B 151 -29.49 -40.71 20.02
C GLN B 151 -30.29 -41.39 21.10
C GLN B 151 -30.26 -41.52 21.07
N ASP B 152 -29.70 -41.63 22.27
CA ASP B 152 -30.38 -42.29 23.37
C ASP B 152 -31.44 -41.40 24.03
N ASN B 153 -31.39 -40.10 23.78
CA ASN B 153 -32.34 -39.21 24.44
C ASN B 153 -33.22 -38.46 23.45
N GLY B 154 -33.54 -39.12 22.35
CA GLY B 154 -34.57 -38.61 21.47
C GLY B 154 -34.03 -37.87 20.27
N GLY B 155 -32.70 -37.82 20.16
CA GLY B 155 -32.06 -37.19 19.02
C GLY B 155 -32.30 -35.69 19.01
N TRP B 156 -31.84 -35.03 17.96
CA TRP B 156 -32.01 -33.58 17.86
C TRP B 156 -33.49 -33.18 17.81
N ASP B 157 -34.38 -34.11 17.46
CA ASP B 157 -35.81 -33.85 17.51
C ASP B 157 -36.28 -33.47 18.91
N ALA B 158 -35.78 -34.18 19.91
CA ALA B 158 -36.11 -33.90 21.31
C ALA B 158 -35.59 -32.52 21.74
N PHE B 159 -34.38 -32.17 21.30
CA PHE B 159 -33.82 -30.85 21.55
C PHE B 159 -34.78 -29.77 21.06
N VAL B 160 -35.28 -29.93 19.84
CA VAL B 160 -36.14 -28.92 19.22
C VAL B 160 -37.46 -28.80 19.99
N GLU B 161 -37.97 -29.92 20.46
CA GLU B 161 -39.17 -29.87 21.30
C GLU B 161 -38.91 -29.14 22.61
N LEU B 162 -37.71 -29.28 23.16
CA LEU B 162 -37.39 -28.67 24.45
C LEU B 162 -36.97 -27.20 24.33
N TYR B 163 -36.41 -26.82 23.19
CA TYR B 163 -35.83 -25.48 23.06
C TYR B 163 -36.36 -24.71 21.86
N GLY B 164 -37.15 -25.35 21.00
CA GLY B 164 -37.51 -24.78 19.70
C GLY B 164 -38.47 -23.61 19.68
N PRO B 165 -38.77 -23.11 18.47
CA PRO B 165 -39.66 -21.95 18.23
C PRO B 165 -41.14 -22.28 18.44
N SER B 166 -41.44 -23.55 18.69
CA SER B 166 -42.79 -24.00 18.98
C SER B 166 -42.88 -24.54 20.40
N TYR C 11 -13.27 9.62 -27.99
CA TYR C 11 -12.60 10.91 -27.90
C TYR C 11 -11.15 10.82 -28.37
N ASP C 12 -10.63 11.94 -28.86
CA ASP C 12 -9.22 12.02 -29.27
C ASP C 12 -8.35 12.56 -28.15
N ASN C 13 -7.39 11.75 -27.73
CA ASN C 13 -6.50 12.11 -26.63
C ASN C 13 -5.64 13.32 -26.98
N ARG C 14 -5.25 13.45 -28.24
N ARG C 14 -5.24 13.43 -28.24
CA ARG C 14 -4.40 14.56 -28.65
CA ARG C 14 -4.43 14.55 -28.69
C ARG C 14 -5.12 15.90 -28.48
C ARG C 14 -5.13 15.89 -28.45
N GLU C 15 -6.40 15.96 -28.83
CA GLU C 15 -7.15 17.20 -28.69
C GLU C 15 -7.30 17.59 -27.23
N ILE C 16 -7.57 16.59 -26.38
CA ILE C 16 -7.70 16.83 -24.96
C ILE C 16 -6.40 17.43 -24.42
N VAL C 17 -5.27 16.85 -24.80
CA VAL C 17 -3.96 17.38 -24.40
C VAL C 17 -3.75 18.81 -24.88
N MET C 18 -4.05 19.05 -26.16
CA MET C 18 -3.80 20.36 -26.75
C MET C 18 -4.65 21.46 -26.12
N LYS C 19 -5.93 21.17 -25.89
CA LYS C 19 -6.81 22.16 -25.28
C LYS C 19 -6.45 22.40 -23.83
N TYR C 20 -6.00 21.36 -23.13
CA TYR C 20 -5.62 21.52 -21.74
C TYR C 20 -4.41 22.45 -21.66
N ILE C 21 -3.41 22.21 -22.50
CA ILE C 21 -2.17 22.97 -22.40
C ILE C 21 -2.42 24.42 -22.82
N HIS C 22 -3.26 24.60 -23.84
CA HIS C 22 -3.62 25.95 -24.23
C HIS C 22 -4.24 26.73 -23.07
N TYR C 23 -5.09 26.05 -22.29
CA TYR C 23 -5.72 26.69 -21.14
C TYR C 23 -4.72 27.08 -20.04
N LYS C 24 -3.83 26.16 -19.69
CA LYS C 24 -2.85 26.41 -18.64
C LYS C 24 -1.93 27.57 -19.02
N LEU C 25 -1.54 27.65 -20.29
CA LEU C 25 -0.69 28.77 -20.75
C LEU C 25 -1.45 30.10 -20.76
N SER C 26 -2.69 30.08 -21.26
CA SER C 26 -3.51 31.29 -21.28
C SER C 26 -3.74 31.82 -19.87
N GLN C 27 -3.74 30.92 -18.89
CA GLN C 27 -3.84 31.31 -17.49
C GLN C 27 -2.69 32.23 -17.05
N ARG C 28 -1.54 32.06 -17.69
CA ARG C 28 -0.34 32.83 -17.35
C ARG C 28 -0.14 33.99 -18.33
N GLY C 29 -1.07 34.14 -19.27
CA GLY C 29 -1.05 35.22 -20.22
C GLY C 29 -0.35 34.87 -21.53
N TYR C 30 0.03 33.61 -21.68
CA TYR C 30 0.72 33.14 -22.87
C TYR C 30 -0.27 32.48 -23.83
N GLU C 31 -0.20 32.82 -25.12
CA GLU C 31 -1.05 32.21 -26.12
C GLU C 31 -0.24 31.23 -26.98
N TRP C 32 -0.80 30.05 -27.19
CA TRP C 32 -0.10 28.95 -27.86
C TRP C 32 -1.02 28.22 -28.83
N ASP C 33 -0.48 27.79 -29.97
CA ASP C 33 -1.27 27.14 -31.01
C ASP C 33 -0.87 25.69 -31.30
N ALA C 34 0.17 25.52 -32.12
CA ALA C 34 0.58 24.22 -32.62
C ALA C 34 -0.58 23.46 -33.27
N SER C 51 -15.48 16.19 -26.96
CA SER C 51 -16.59 16.96 -26.39
C SER C 51 -16.10 18.12 -25.52
N GLU C 52 -16.78 19.25 -25.69
CA GLU C 52 -16.45 20.44 -24.92
C GLU C 52 -16.63 20.22 -23.42
N VAL C 53 -17.51 19.29 -23.05
CA VAL C 53 -17.79 19.02 -21.64
C VAL C 53 -16.64 18.26 -20.99
N VAL C 54 -15.99 17.38 -21.74
CA VAL C 54 -14.76 16.77 -21.23
C VAL C 54 -13.68 17.82 -21.00
N HIS C 55 -13.47 18.69 -21.97
CA HIS C 55 -12.48 19.77 -21.81
C HIS C 55 -12.79 20.64 -20.59
N LEU C 56 -14.07 20.98 -20.41
CA LEU C 56 -14.48 21.83 -19.29
C LEU C 56 -14.20 21.15 -17.95
N THR C 57 -14.64 19.90 -17.82
CA THR C 57 -14.47 19.17 -16.58
C THR C 57 -13.00 18.95 -16.21
N LEU C 58 -12.18 18.65 -17.20
CA LEU C 58 -10.75 18.47 -16.96
C LEU C 58 -10.11 19.76 -16.48
N ARG C 59 -10.45 20.89 -17.10
CA ARG C 59 -10.00 22.21 -16.63
C ARG C 59 -10.39 22.53 -15.19
N GLN C 60 -11.67 22.37 -14.89
CA GLN C 60 -12.18 22.62 -13.54
C GLN C 60 -11.49 21.71 -12.53
N ALA C 61 -11.38 20.42 -12.87
CA ALA C 61 -10.71 19.48 -12.00
C ALA C 61 -9.23 19.86 -11.81
N GLY C 62 -8.56 20.22 -12.89
CA GLY C 62 -7.14 20.57 -12.80
C GLY C 62 -6.90 21.82 -11.97
N ASP C 63 -7.79 22.81 -12.11
CA ASP C 63 -7.73 24.04 -11.31
C ASP C 63 -7.95 23.71 -9.82
N ASP C 64 -8.93 22.86 -9.54
N ASP C 64 -8.91 22.85 -9.55
CA ASP C 64 -9.20 22.43 -8.17
CA ASP C 64 -9.22 22.42 -8.18
C ASP C 64 -8.02 21.66 -7.59
C ASP C 64 -8.06 21.62 -7.58
N PHE C 65 -7.48 20.72 -8.38
CA PHE C 65 -6.29 19.98 -7.99
C PHE C 65 -5.15 20.93 -7.63
N SER C 66 -4.94 21.95 -8.44
N SER C 66 -4.95 21.94 -8.46
CA SER C 66 -3.84 22.89 -8.20
CA SER C 66 -3.86 22.89 -8.22
C SER C 66 -4.01 23.67 -6.91
C SER C 66 -4.02 23.64 -6.90
N ARG C 67 -5.23 24.09 -6.62
CA ARG C 67 -5.50 24.84 -5.39
C ARG C 67 -5.24 23.97 -4.17
N ARG C 68 -5.64 22.70 -4.25
CA ARG C 68 -5.43 21.77 -3.16
C ARG C 68 -3.96 21.43 -3.00
N TYR C 69 -3.27 21.26 -4.12
CA TYR C 69 -1.85 20.94 -4.12
C TYR C 69 -1.08 22.08 -3.46
N ARG C 70 -1.40 23.31 -3.85
CA ARG C 70 -0.63 24.46 -3.38
C ARG C 70 -0.87 24.75 -1.92
N ARG C 71 -2.05 24.41 -1.42
CA ARG C 71 -2.36 24.52 -0.01
C ARG C 71 -1.49 23.58 0.85
N ASP C 72 -1.12 22.43 0.29
CA ASP C 72 -0.38 21.43 1.06
C ASP C 72 1.12 21.44 0.79
N PHE C 73 1.50 21.88 -0.41
CA PHE C 73 2.89 21.80 -0.85
C PHE C 73 3.34 23.10 -1.53
N ALA C 74 4.64 23.22 -1.78
CA ALA C 74 5.19 24.42 -2.42
C ALA C 74 4.70 24.60 -3.87
N GLU C 75 5.40 25.45 -4.62
CA GLU C 75 5.12 25.58 -6.05
C GLU C 75 5.68 24.35 -6.75
N MET C 76 4.91 23.78 -7.67
CA MET C 76 5.32 22.56 -8.35
C MET C 76 6.56 22.79 -9.21
N SER C 77 6.71 24.01 -9.72
CA SER C 77 7.82 24.37 -10.59
C SER C 77 9.17 24.38 -9.87
N SER C 78 9.16 24.69 -8.58
CA SER C 78 10.40 24.88 -7.82
C SER C 78 11.28 23.63 -7.84
N GLN C 79 10.67 22.49 -8.11
CA GLN C 79 11.38 21.22 -8.08
C GLN C 79 11.86 20.74 -9.46
N LEU C 80 11.29 21.30 -10.53
CA LEU C 80 11.49 20.75 -11.88
C LEU C 80 12.95 20.69 -12.37
N HIS C 81 13.64 21.83 -12.39
CA HIS C 81 14.99 21.94 -12.96
C HIS C 81 15.03 21.47 -14.42
N LEU C 82 14.39 22.23 -15.29
CA LEU C 82 14.26 21.86 -16.70
C LEU C 82 15.39 22.40 -17.58
N THR C 83 15.91 21.54 -18.45
CA THR C 83 16.70 21.94 -19.60
C THR C 83 16.14 21.20 -20.80
N PRO C 84 16.38 21.70 -22.03
CA PRO C 84 15.83 21.02 -23.20
C PRO C 84 16.26 19.55 -23.30
N PHE C 85 17.46 19.24 -22.81
CA PHE C 85 17.97 17.87 -22.92
C PHE C 85 17.54 16.97 -21.77
N THR C 86 17.13 17.55 -20.65
CA THR C 86 16.73 16.72 -19.51
C THR C 86 15.20 16.59 -19.42
N ALA C 87 14.49 17.42 -20.16
CA ALA C 87 13.03 17.56 -19.98
C ALA C 87 12.26 16.26 -20.16
N ARG C 88 12.62 15.46 -21.16
CA ARG C 88 11.90 14.20 -21.39
C ARG C 88 12.11 13.24 -20.23
N GLY C 89 13.33 13.20 -19.71
CA GLY C 89 13.61 12.32 -18.59
C GLY C 89 12.94 12.75 -17.29
N ARG C 90 12.84 14.06 -17.07
CA ARG C 90 12.09 14.59 -15.94
C ARG C 90 10.64 14.15 -16.05
N PHE C 91 10.06 14.39 -17.23
CA PHE C 91 8.69 13.99 -17.52
C PHE C 91 8.48 12.50 -17.29
N ALA C 92 9.30 11.68 -17.93
CA ALA C 92 9.19 10.22 -17.80
C ALA C 92 9.35 9.75 -16.36
N THR C 93 10.31 10.32 -15.62
CA THR C 93 10.56 9.86 -14.26
C THR C 93 9.33 10.09 -13.38
N VAL C 94 8.78 11.29 -13.47
CA VAL C 94 7.62 11.67 -12.64
C VAL C 94 6.41 10.81 -13.01
N VAL C 95 6.15 10.69 -14.29
CA VAL C 95 4.93 10.01 -14.73
C VAL C 95 4.98 8.50 -14.47
N GLU C 96 6.14 7.89 -14.63
CA GLU C 96 6.30 6.46 -14.35
C GLU C 96 6.02 6.16 -12.89
N GLU C 97 6.52 7.00 -12.00
CA GLU C 97 6.30 6.81 -10.57
C GLU C 97 4.85 7.09 -10.19
N LEU C 98 4.26 8.08 -10.84
CA LEU C 98 2.87 8.43 -10.56
C LEU C 98 1.91 7.25 -10.81
N PHE C 99 2.20 6.47 -11.84
CA PHE C 99 1.27 5.38 -12.20
C PHE C 99 1.82 4.01 -11.90
N ARG C 100 2.97 3.95 -11.23
CA ARG C 100 3.65 2.68 -10.97
C ARG C 100 2.75 1.66 -10.28
N ASP C 101 2.00 2.09 -9.26
CA ASP C 101 1.12 1.18 -8.55
C ASP C 101 -0.36 1.44 -8.83
N GLY C 102 -0.66 1.97 -10.01
CA GLY C 102 -2.05 2.08 -10.40
C GLY C 102 -2.46 3.38 -11.07
N VAL C 103 -3.65 3.35 -11.63
CA VAL C 103 -4.26 4.47 -12.30
C VAL C 103 -5.61 4.75 -11.67
N ASN C 104 -5.94 6.02 -11.50
CA ASN C 104 -7.32 6.40 -11.22
C ASN C 104 -7.51 7.81 -11.77
N TRP C 105 -8.74 8.32 -11.80
CA TRP C 105 -8.98 9.60 -12.43
C TRP C 105 -8.21 10.75 -11.76
N GLY C 106 -8.03 10.67 -10.44
CA GLY C 106 -7.28 11.68 -9.70
C GLY C 106 -5.83 11.75 -10.15
N ARG C 107 -5.24 10.58 -10.36
CA ARG C 107 -3.86 10.52 -10.82
C ARG C 107 -3.75 11.01 -12.26
N ILE C 108 -4.81 10.81 -13.04
CA ILE C 108 -4.80 11.29 -14.41
C ILE C 108 -4.90 12.83 -14.38
N VAL C 109 -5.71 13.38 -13.48
CA VAL C 109 -5.74 14.85 -13.36
C VAL C 109 -4.35 15.39 -12.96
N ALA C 110 -3.71 14.70 -12.02
CA ALA C 110 -2.36 15.03 -11.58
C ALA C 110 -1.38 15.04 -12.75
N PHE C 111 -1.58 14.09 -13.66
CA PHE C 111 -0.75 13.96 -14.85
C PHE C 111 -0.92 15.17 -15.77
N PHE C 112 -2.16 15.62 -15.96
CA PHE C 112 -2.41 16.79 -16.79
C PHE C 112 -1.85 18.05 -16.13
N GLU C 113 -2.01 18.16 -14.81
CA GLU C 113 -1.48 19.33 -14.12
C GLU C 113 0.06 19.35 -14.16
N PHE C 114 0.68 18.18 -14.06
CA PHE C 114 2.13 18.10 -14.12
C PHE C 114 2.64 18.52 -15.50
N GLY C 115 1.98 18.03 -16.53
CA GLY C 115 2.27 18.43 -17.89
C GLY C 115 2.08 19.93 -18.08
N GLY C 116 0.98 20.48 -17.58
CA GLY C 116 0.75 21.92 -17.61
C GLY C 116 1.86 22.74 -16.93
N VAL C 117 2.28 22.29 -15.75
CA VAL C 117 3.38 22.92 -15.03
C VAL C 117 4.71 22.86 -15.81
N MET C 118 4.99 21.72 -16.42
CA MET C 118 6.20 21.62 -17.24
C MET C 118 6.13 22.60 -18.42
N CYS C 119 4.94 22.79 -18.99
CA CYS C 119 4.79 23.73 -20.10
C CYS C 119 4.96 25.18 -19.66
N VAL C 120 4.34 25.55 -18.54
CA VAL C 120 4.46 26.90 -18.03
C VAL C 120 5.91 27.20 -17.67
N GLU C 121 6.56 26.27 -16.98
CA GLU C 121 7.97 26.47 -16.60
C GLU C 121 8.87 26.59 -17.83
N SER C 122 8.56 25.83 -18.87
CA SER C 122 9.33 25.91 -20.11
C SER C 122 9.25 27.33 -20.68
N VAL C 123 8.10 27.96 -20.55
CA VAL C 123 7.94 29.31 -21.07
C VAL C 123 8.67 30.30 -20.17
N ASN C 124 8.54 30.12 -18.86
CA ASN C 124 9.25 30.95 -17.90
C ASN C 124 10.76 30.91 -18.10
N ARG C 125 11.28 29.75 -18.46
CA ARG C 125 12.72 29.56 -18.58
C ARG C 125 13.19 29.88 -19.99
N GLU C 126 12.29 30.45 -20.78
CA GLU C 126 12.52 30.76 -22.19
C GLU C 126 13.01 29.53 -22.95
N MET C 127 12.30 28.43 -22.75
CA MET C 127 12.52 27.22 -23.52
C MET C 127 11.18 26.80 -24.12
N SER C 128 10.45 27.79 -24.60
CA SER C 128 9.09 27.59 -25.13
C SER C 128 8.94 26.53 -26.22
N PRO C 129 9.98 26.27 -27.04
CA PRO C 129 9.83 25.14 -27.96
C PRO C 129 9.46 23.82 -27.27
N LEU C 130 9.89 23.65 -26.02
CA LEU C 130 9.59 22.43 -25.28
C LEU C 130 8.07 22.17 -25.14
N VAL C 131 7.25 23.22 -25.23
CA VAL C 131 5.81 23.04 -25.04
C VAL C 131 5.25 22.04 -26.05
N ASP C 132 5.71 22.16 -27.29
CA ASP C 132 5.31 21.24 -28.35
C ASP C 132 5.75 19.81 -28.02
N ASN C 133 6.96 19.65 -27.49
CA ASN C 133 7.45 18.33 -27.15
C ASN C 133 6.66 17.71 -26.01
N ILE C 134 6.41 18.50 -24.96
CA ILE C 134 5.68 18.04 -23.80
C ILE C 134 4.27 17.60 -24.23
N ALA C 135 3.64 18.38 -25.09
CA ALA C 135 2.31 18.02 -25.60
C ALA C 135 2.34 16.66 -26.30
N LEU C 136 3.41 16.45 -27.07
CA LEU C 136 3.60 15.19 -27.75
C LEU C 136 3.82 14.06 -26.75
N TRP C 137 4.60 14.32 -25.70
CA TRP C 137 4.90 13.27 -24.74
C TRP C 137 3.63 12.88 -23.95
N MET C 138 2.79 13.86 -23.65
CA MET C 138 1.56 13.61 -22.91
C MET C 138 0.56 12.83 -23.77
N THR C 139 0.43 13.25 -25.02
CA THR C 139 -0.46 12.57 -25.95
C THR C 139 -0.05 11.10 -26.09
N GLU C 140 1.25 10.90 -26.21
CA GLU C 140 1.81 9.55 -26.38
C GLU C 140 1.57 8.69 -25.15
N TYR C 141 1.80 9.27 -23.99
CA TYR C 141 1.62 8.52 -22.76
C TYR C 141 0.15 8.16 -22.57
N LEU C 142 -0.73 9.10 -22.89
CA LEU C 142 -2.16 8.85 -22.80
C LEU C 142 -2.56 7.68 -23.71
N ASN C 143 -2.11 7.75 -24.95
CA ASN C 143 -2.48 6.76 -25.96
C ASN C 143 -1.91 5.36 -25.70
N ARG C 144 -0.69 5.30 -25.18
CA ARG C 144 -0.01 4.02 -25.01
C ARG C 144 -0.20 3.41 -23.61
N HIS C 145 -0.19 4.23 -22.58
CA HIS C 145 -0.13 3.71 -21.21
C HIS C 145 -1.39 3.92 -20.38
N LEU C 146 -2.22 4.89 -20.75
CA LEU C 146 -3.42 5.16 -19.97
C LEU C 146 -4.69 4.71 -20.68
N HIS C 147 -4.59 4.50 -22.00
CA HIS C 147 -5.78 4.32 -22.82
C HIS C 147 -6.62 3.12 -22.41
N THR C 148 -5.94 2.03 -22.06
N THR C 148 -6.00 2.01 -22.04
CA THR C 148 -6.61 0.81 -21.65
CA THR C 148 -6.81 0.84 -21.70
C THR C 148 -7.44 1.03 -20.40
C THR C 148 -7.50 1.03 -20.37
N TRP C 149 -6.85 1.72 -19.44
CA TRP C 149 -7.50 1.97 -18.15
C TRP C 149 -8.71 2.85 -18.40
N ILE C 150 -8.52 3.88 -19.21
CA ILE C 150 -9.59 4.82 -19.51
C ILE C 150 -10.75 4.08 -20.18
N GLN C 151 -10.43 3.28 -21.20
CA GLN C 151 -11.45 2.45 -21.86
C GLN C 151 -12.21 1.56 -20.86
N ASP C 152 -11.47 0.89 -20.01
CA ASP C 152 -12.05 -0.09 -19.08
C ASP C 152 -12.83 0.55 -17.94
N ASN C 153 -12.65 1.85 -17.73
CA ASN C 153 -13.30 2.50 -16.61
C ASN C 153 -14.33 3.52 -17.06
N GLY C 154 -14.88 3.28 -18.24
CA GLY C 154 -16.05 4.04 -18.69
C GLY C 154 -15.76 5.21 -19.61
N GLY C 155 -14.49 5.41 -19.99
CA GLY C 155 -14.14 6.47 -20.91
C GLY C 155 -14.20 7.86 -20.29
N TRP C 156 -13.87 8.89 -21.06
CA TRP C 156 -13.95 10.25 -20.54
C TRP C 156 -15.38 10.63 -20.15
N ASP C 157 -16.38 9.97 -20.72
CA ASP C 157 -17.74 10.18 -20.24
C ASP C 157 -17.87 9.84 -18.73
N ALA C 158 -17.21 8.77 -18.27
CA ALA C 158 -17.26 8.42 -16.86
C ALA C 158 -16.61 9.52 -16.01
N PHE C 159 -15.51 10.07 -16.52
CA PHE C 159 -14.81 11.15 -15.82
C PHE C 159 -15.73 12.35 -15.64
N VAL C 160 -16.47 12.70 -16.69
CA VAL C 160 -17.41 13.80 -16.63
C VAL C 160 -18.51 13.50 -15.60
N GLU C 161 -19.01 12.26 -15.61
CA GLU C 161 -20.00 11.85 -14.60
C GLU C 161 -19.54 12.06 -13.15
N LEU C 162 -18.28 11.71 -12.89
CA LEU C 162 -17.73 11.76 -11.54
C LEU C 162 -17.24 13.13 -11.08
N TYR C 163 -16.69 13.90 -12.02
CA TYR C 163 -16.03 15.15 -11.69
C TYR C 163 -16.79 16.37 -12.16
N GLY C 164 -17.83 16.13 -12.96
CA GLY C 164 -18.52 17.21 -13.63
C GLY C 164 -19.55 17.88 -12.74
N PRO C 165 -19.86 19.15 -13.03
CA PRO C 165 -20.82 19.99 -12.30
C PRO C 165 -22.20 19.36 -12.19
N ASP D 12 40.04 1.55 -12.02
CA ASP D 12 39.01 0.52 -11.85
C ASP D 12 37.98 0.56 -12.97
N ASN D 13 37.78 -0.59 -13.63
CA ASN D 13 36.89 -0.65 -14.78
C ASN D 13 35.42 -0.54 -14.44
N ARG D 14 35.02 -1.10 -13.30
CA ARG D 14 33.63 -1.04 -12.88
C ARG D 14 33.22 0.40 -12.65
N GLU D 15 34.10 1.16 -12.02
CA GLU D 15 33.81 2.56 -11.73
C GLU D 15 33.70 3.34 -13.03
N ILE D 16 34.58 3.05 -13.97
CA ILE D 16 34.54 3.74 -15.26
C ILE D 16 33.19 3.47 -15.93
N VAL D 17 32.74 2.22 -15.90
CA VAL D 17 31.44 1.86 -16.46
C VAL D 17 30.28 2.54 -15.71
N MET D 18 30.26 2.40 -14.39
CA MET D 18 29.18 2.97 -13.58
C MET D 18 29.07 4.48 -13.79
N LYS D 19 30.19 5.18 -13.77
CA LYS D 19 30.15 6.62 -13.91
C LYS D 19 29.73 7.06 -15.31
N TYR D 20 30.11 6.28 -16.33
CA TYR D 20 29.67 6.62 -17.69
C TYR D 20 28.15 6.52 -17.79
N ILE D 21 27.61 5.38 -17.37
CA ILE D 21 26.18 5.12 -17.44
C ILE D 21 25.37 6.13 -16.64
N HIS D 22 25.87 6.49 -15.44
CA HIS D 22 25.23 7.54 -14.66
C HIS D 22 25.11 8.82 -15.47
N TYR D 23 26.18 9.17 -16.18
CA TYR D 23 26.20 10.41 -16.95
C TYR D 23 25.25 10.34 -18.14
N LYS D 24 25.21 9.19 -18.82
CA LYS D 24 24.32 9.01 -19.97
C LYS D 24 22.86 9.19 -19.55
N LEU D 25 22.54 8.68 -18.38
CA LEU D 25 21.18 8.76 -17.85
C LEU D 25 20.87 10.17 -17.35
N SER D 26 21.80 10.76 -16.62
N SER D 26 21.80 10.76 -16.62
CA SER D 26 21.61 12.08 -16.01
CA SER D 26 21.57 12.06 -16.01
C SER D 26 21.51 13.18 -17.05
C SER D 26 21.53 13.19 -17.04
N GLN D 27 22.31 13.07 -18.11
CA GLN D 27 22.32 14.12 -19.13
C GLN D 27 20.96 14.15 -19.85
N ARG D 28 20.19 13.07 -19.74
CA ARG D 28 18.86 13.03 -20.35
C ARG D 28 17.73 13.17 -19.32
N GLY D 29 18.09 13.44 -18.08
CA GLY D 29 17.10 13.68 -17.04
C GLY D 29 16.62 12.42 -16.32
N TYR D 30 17.26 11.29 -16.56
CA TYR D 30 16.85 10.04 -15.90
C TYR D 30 17.68 9.84 -14.63
N GLU D 31 17.18 9.01 -13.74
CA GLU D 31 17.85 8.71 -12.47
C GLU D 31 18.08 7.21 -12.34
N TRP D 32 19.11 6.85 -11.57
CA TRP D 32 19.52 5.46 -11.43
C TRP D 32 20.06 5.16 -10.04
N ASP D 33 19.60 4.06 -9.44
CA ASP D 33 20.12 3.61 -8.16
C ASP D 33 21.00 2.37 -8.35
N SER D 51 40.15 7.82 -11.59
CA SER D 51 40.52 9.24 -11.56
C SER D 51 39.57 10.07 -12.39
N GLU D 52 39.30 11.30 -11.94
CA GLU D 52 38.24 12.12 -12.51
C GLU D 52 38.49 12.57 -13.94
N VAL D 53 39.76 12.71 -14.33
CA VAL D 53 40.07 13.21 -15.67
C VAL D 53 39.71 12.17 -16.75
N VAL D 54 39.92 10.89 -16.44
CA VAL D 54 39.56 9.81 -17.34
C VAL D 54 38.05 9.80 -17.55
N HIS D 55 37.29 9.88 -16.46
CA HIS D 55 35.84 9.93 -16.58
C HIS D 55 35.41 11.12 -17.44
N LEU D 56 36.05 12.27 -17.23
CA LEU D 56 35.68 13.46 -17.95
C LEU D 56 36.04 13.41 -19.44
N THR D 57 37.19 12.81 -19.75
CA THR D 57 37.59 12.67 -21.15
C THR D 57 36.61 11.74 -21.88
N LEU D 58 36.21 10.67 -21.19
CA LEU D 58 35.25 9.73 -21.76
C LEU D 58 33.88 10.38 -21.98
N ARG D 59 33.44 11.19 -21.02
CA ARG D 59 32.21 11.99 -21.25
C ARG D 59 32.24 12.81 -22.54
N GLN D 60 33.27 13.64 -22.72
CA GLN D 60 33.34 14.48 -23.90
C GLN D 60 33.52 13.65 -25.17
N ALA D 61 34.32 12.60 -25.10
CA ALA D 61 34.57 11.77 -26.28
C ALA D 61 33.26 11.10 -26.73
N GLY D 62 32.54 10.54 -25.76
CA GLY D 62 31.26 9.90 -26.02
C GLY D 62 30.24 10.86 -26.59
N ASP D 63 30.23 12.09 -26.08
CA ASP D 63 29.27 13.08 -26.59
C ASP D 63 29.62 13.44 -28.04
N ASP D 64 30.91 13.62 -28.31
CA ASP D 64 31.38 13.92 -29.65
C ASP D 64 31.05 12.79 -30.60
N PHE D 65 31.27 11.56 -30.12
CA PHE D 65 30.97 10.38 -30.91
C PHE D 65 29.50 10.37 -31.30
N SER D 66 28.65 10.59 -30.31
CA SER D 66 27.20 10.56 -30.50
C SER D 66 26.76 11.57 -31.55
N ARG D 67 27.37 12.76 -31.53
CA ARG D 67 27.08 13.79 -32.52
C ARG D 67 27.48 13.33 -33.92
N ARG D 68 28.68 12.78 -34.05
CA ARG D 68 29.14 12.27 -35.33
C ARG D 68 28.27 11.13 -35.81
N TYR D 69 27.92 10.22 -34.89
CA TYR D 69 27.10 9.06 -35.22
C TYR D 69 25.78 9.52 -35.83
N ARG D 70 25.14 10.46 -35.16
CA ARG D 70 23.80 10.87 -35.57
C ARG D 70 23.80 11.67 -36.87
N ARG D 71 24.95 12.17 -37.28
CA ARG D 71 25.04 12.87 -38.57
C ARG D 71 24.88 11.90 -39.74
N ASP D 72 25.38 10.68 -39.58
CA ASP D 72 25.28 9.67 -40.64
C ASP D 72 24.10 8.74 -40.48
N PHE D 73 23.80 8.36 -39.25
CA PHE D 73 22.86 7.28 -38.99
C PHE D 73 21.70 7.76 -38.14
N ALA D 74 20.65 6.95 -38.10
CA ALA D 74 19.46 7.27 -37.33
C ALA D 74 19.79 7.36 -35.85
N GLU D 75 18.79 7.56 -35.00
CA GLU D 75 18.99 7.42 -33.57
C GLU D 75 19.39 5.98 -33.33
N MET D 76 20.48 5.78 -32.58
CA MET D 76 21.01 4.45 -32.32
C MET D 76 19.98 3.53 -31.67
N SER D 77 19.11 4.09 -30.83
CA SER D 77 18.10 3.31 -30.12
C SER D 77 17.03 2.74 -31.04
N SER D 78 16.88 3.32 -32.23
CA SER D 78 15.79 2.98 -33.13
C SER D 78 16.02 1.66 -33.86
N GLN D 79 17.20 1.08 -33.71
CA GLN D 79 17.52 -0.19 -34.34
C GLN D 79 17.72 -1.30 -33.30
N LEU D 80 17.28 -1.02 -32.07
CA LEU D 80 17.45 -1.97 -30.96
C LEU D 80 16.36 -3.00 -30.86
N HIS D 81 15.11 -2.53 -30.88
CA HIS D 81 13.94 -3.36 -30.59
C HIS D 81 14.16 -4.04 -29.24
N LEU D 82 14.60 -3.27 -28.26
CA LEU D 82 15.02 -3.80 -26.97
C LEU D 82 13.87 -4.42 -26.17
N THR D 83 14.10 -5.64 -25.70
CA THR D 83 13.23 -6.31 -24.74
C THR D 83 14.15 -6.98 -23.71
N PRO D 84 13.62 -7.29 -22.51
CA PRO D 84 14.44 -8.00 -21.51
C PRO D 84 14.86 -9.39 -21.97
N PHE D 85 14.14 -9.91 -22.96
CA PHE D 85 14.42 -11.24 -23.48
C PHE D 85 15.59 -11.23 -24.47
N THR D 86 15.68 -10.15 -25.25
N THR D 86 15.68 -10.14 -25.24
CA THR D 86 16.67 -10.08 -26.32
CA THR D 86 16.66 -10.07 -26.33
C THR D 86 17.95 -9.35 -25.93
C THR D 86 17.85 -9.17 -26.01
N ALA D 87 17.94 -8.67 -24.78
CA ALA D 87 19.04 -7.78 -24.40
C ALA D 87 20.43 -8.44 -24.31
N ARG D 88 20.58 -9.45 -23.46
CA ARG D 88 21.89 -10.04 -23.16
C ARG D 88 22.65 -10.52 -24.40
N GLY D 89 21.99 -11.34 -25.21
CA GLY D 89 22.62 -11.93 -26.37
C GLY D 89 22.97 -10.90 -27.43
N ARG D 90 22.10 -9.91 -27.58
CA ARG D 90 22.31 -8.83 -28.55
C ARG D 90 23.46 -7.92 -28.16
N PHE D 91 23.61 -7.67 -26.86
CA PHE D 91 24.75 -6.90 -26.37
C PHE D 91 26.03 -7.58 -26.86
N ALA D 92 26.10 -8.90 -26.64
CA ALA D 92 27.28 -9.66 -27.04
C ALA D 92 27.46 -9.64 -28.54
N THR D 93 26.38 -9.81 -29.29
CA THR D 93 26.42 -9.79 -30.75
C THR D 93 27.07 -8.50 -31.27
N VAL D 94 26.57 -7.37 -30.77
CA VAL D 94 27.04 -6.08 -31.24
C VAL D 94 28.48 -5.86 -30.84
N VAL D 95 28.78 -6.10 -29.57
CA VAL D 95 30.12 -5.81 -29.07
C VAL D 95 31.15 -6.78 -29.63
N GLU D 96 30.79 -8.04 -29.82
CA GLU D 96 31.75 -8.97 -30.41
C GLU D 96 32.08 -8.62 -31.86
N GLU D 97 31.10 -8.14 -32.61
CA GLU D 97 31.38 -7.71 -33.98
C GLU D 97 32.20 -6.41 -34.02
N LEU D 98 31.93 -5.51 -33.06
CA LEU D 98 32.65 -4.23 -32.95
C LEU D 98 34.15 -4.45 -32.83
N PHE D 99 34.55 -5.45 -32.06
CA PHE D 99 35.96 -5.67 -31.80
C PHE D 99 36.55 -6.90 -32.49
N ARG D 100 35.76 -7.54 -33.36
CA ARG D 100 36.22 -8.78 -34.00
C ARG D 100 37.52 -8.59 -34.78
N ASP D 101 37.61 -7.52 -35.57
CA ASP D 101 38.81 -7.27 -36.37
C ASP D 101 39.77 -6.27 -35.75
N GLY D 102 39.63 -6.00 -34.45
CA GLY D 102 40.56 -5.14 -33.77
C GLY D 102 40.00 -4.15 -32.75
N VAL D 103 40.91 -3.55 -31.98
CA VAL D 103 40.55 -2.57 -30.97
C VAL D 103 41.30 -1.26 -31.23
N ASN D 104 40.63 -0.13 -31.05
CA ASN D 104 41.29 1.16 -30.96
C ASN D 104 40.48 2.05 -30.03
N TRP D 105 40.99 3.24 -29.68
CA TRP D 105 40.27 4.06 -28.73
C TRP D 105 38.90 4.48 -29.25
N GLY D 106 38.80 4.67 -30.57
CA GLY D 106 37.52 5.04 -31.16
C GLY D 106 36.45 3.99 -30.97
N ARG D 107 36.83 2.73 -31.18
CA ARG D 107 35.91 1.62 -30.96
C ARG D 107 35.56 1.48 -29.49
N ILE D 108 36.51 1.77 -28.59
CA ILE D 108 36.20 1.72 -27.17
C ILE D 108 35.18 2.80 -26.82
N VAL D 109 35.32 3.99 -27.38
CA VAL D 109 34.32 5.03 -27.14
C VAL D 109 32.97 4.56 -27.68
N ALA D 110 32.99 3.92 -28.86
CA ALA D 110 31.78 3.40 -29.49
C ALA D 110 31.08 2.41 -28.55
N PHE D 111 31.90 1.53 -27.97
CA PHE D 111 31.45 0.55 -26.98
C PHE D 111 30.75 1.22 -25.78
N PHE D 112 31.35 2.26 -25.20
CA PHE D 112 30.71 2.95 -24.10
C PHE D 112 29.39 3.65 -24.52
N GLU D 113 29.36 4.26 -25.69
CA GLU D 113 28.14 4.94 -26.15
C GLU D 113 27.02 3.93 -26.39
N PHE D 114 27.38 2.79 -26.94
CA PHE D 114 26.39 1.74 -27.23
C PHE D 114 25.76 1.23 -25.93
N GLY D 115 26.59 0.91 -24.96
CA GLY D 115 26.09 0.51 -23.66
C GLY D 115 25.23 1.59 -23.03
N GLY D 116 25.67 2.84 -23.15
CA GLY D 116 24.92 3.97 -22.65
C GLY D 116 23.55 4.09 -23.29
N VAL D 117 23.51 4.02 -24.61
CA VAL D 117 22.25 4.08 -25.35
C VAL D 117 21.31 2.94 -24.94
N MET D 118 21.88 1.75 -24.72
N MET D 118 21.89 1.76 -24.72
CA MET D 118 21.07 0.62 -24.28
CA MET D 118 21.12 0.61 -24.25
C MET D 118 20.46 0.86 -22.91
C MET D 118 20.44 0.93 -22.92
N CYS D 119 21.23 1.49 -22.02
CA CYS D 119 20.71 1.83 -20.68
C CYS D 119 19.63 2.90 -20.73
N VAL D 120 19.87 3.91 -21.55
CA VAL D 120 18.86 4.95 -21.72
C VAL D 120 17.58 4.38 -22.33
N GLU D 121 17.71 3.49 -23.30
CA GLU D 121 16.52 2.92 -23.92
C GLU D 121 15.80 1.98 -22.95
N SER D 122 16.58 1.29 -22.13
CA SER D 122 16.03 0.47 -21.07
C SER D 122 15.11 1.26 -20.16
N VAL D 123 15.58 2.42 -19.71
CA VAL D 123 14.76 3.24 -18.84
C VAL D 123 13.59 3.84 -19.62
N ASN D 124 13.85 4.19 -20.88
CA ASN D 124 12.82 4.73 -21.75
C ASN D 124 11.65 3.76 -21.94
N ARG D 125 11.96 2.46 -22.00
CA ARG D 125 10.94 1.44 -22.18
C ARG D 125 10.53 0.78 -20.86
N GLU D 126 10.59 1.54 -19.77
CA GLU D 126 10.19 1.06 -18.45
C GLU D 126 10.83 -0.28 -18.05
N MET D 127 12.03 -0.54 -18.57
CA MET D 127 12.78 -1.75 -18.25
C MET D 127 14.07 -1.40 -17.49
N SER D 128 13.96 -0.52 -16.51
CA SER D 128 15.11 -0.01 -15.77
C SER D 128 15.93 -1.06 -14.99
N PRO D 129 15.34 -2.23 -14.66
CA PRO D 129 16.25 -3.27 -14.12
C PRO D 129 17.35 -3.68 -15.08
N LEU D 130 17.12 -3.53 -16.38
CA LEU D 130 18.08 -3.95 -17.38
C LEU D 130 19.39 -3.17 -17.28
N VAL D 131 19.33 -1.98 -16.69
CA VAL D 131 20.50 -1.14 -16.55
C VAL D 131 21.60 -1.83 -15.74
N ASP D 132 21.22 -2.47 -14.64
CA ASP D 132 22.20 -3.17 -13.81
C ASP D 132 22.90 -4.27 -14.58
N ASN D 133 22.12 -5.01 -15.38
CA ASN D 133 22.66 -6.12 -16.18
C ASN D 133 23.63 -5.63 -17.25
N ILE D 134 23.24 -4.58 -17.97
CA ILE D 134 24.09 -3.99 -18.99
C ILE D 134 25.39 -3.48 -18.38
N ALA D 135 25.28 -2.82 -17.23
CA ALA D 135 26.47 -2.33 -16.52
C ALA D 135 27.43 -3.47 -16.23
N LEU D 136 26.88 -4.62 -15.88
CA LEU D 136 27.68 -5.80 -15.61
C LEU D 136 28.29 -6.36 -16.89
N TRP D 137 27.51 -6.38 -17.97
CA TRP D 137 28.00 -6.93 -19.22
C TRP D 137 29.15 -6.07 -19.73
N MET D 138 29.00 -4.75 -19.57
CA MET D 138 30.05 -3.81 -19.95
C MET D 138 31.32 -4.04 -19.13
N THR D 139 31.16 -4.15 -17.81
CA THR D 139 32.33 -4.32 -16.93
C THR D 139 33.09 -5.61 -17.25
N GLU D 140 32.35 -6.70 -17.44
CA GLU D 140 32.96 -7.99 -17.76
C GLU D 140 33.66 -7.99 -19.12
N TYR D 141 33.04 -7.34 -20.11
CA TYR D 141 33.67 -7.28 -21.42
C TYR D 141 34.92 -6.41 -21.36
N LEU D 142 34.83 -5.32 -20.60
CA LEU D 142 35.97 -4.43 -20.44
C LEU D 142 37.10 -5.18 -19.76
N ASN D 143 36.78 -5.78 -18.61
CA ASN D 143 37.80 -6.44 -17.81
C ASN D 143 38.46 -7.63 -18.48
N ARG D 144 37.77 -8.30 -19.39
CA ARG D 144 38.31 -9.51 -19.96
C ARG D 144 38.74 -9.38 -21.43
N HIS D 145 38.20 -8.42 -22.15
CA HIS D 145 38.50 -8.36 -23.58
C HIS D 145 39.12 -7.06 -24.06
N LEU D 146 39.04 -6.01 -23.27
CA LEU D 146 39.62 -4.74 -23.68
C LEU D 146 40.80 -4.36 -22.79
N HIS D 147 40.86 -4.93 -21.58
CA HIS D 147 41.81 -4.46 -20.60
C HIS D 147 43.25 -4.70 -21.03
N THR D 148 43.51 -5.85 -21.65
CA THR D 148 44.83 -6.15 -22.18
C THR D 148 45.29 -5.09 -23.18
N TRP D 149 44.39 -4.72 -24.09
CA TRP D 149 44.72 -3.74 -25.12
C TRP D 149 44.97 -2.37 -24.51
N ILE D 150 44.15 -2.02 -23.52
CA ILE D 150 44.28 -0.74 -22.85
C ILE D 150 45.65 -0.62 -22.18
N GLN D 151 46.04 -1.68 -21.46
CA GLN D 151 47.36 -1.73 -20.82
C GLN D 151 48.49 -1.65 -21.85
N ASP D 152 48.31 -2.35 -22.97
CA ASP D 152 49.35 -2.41 -23.99
C ASP D 152 49.48 -1.11 -24.79
N ASN D 153 48.51 -0.23 -24.67
CA ASN D 153 48.55 1.00 -25.46
C ASN D 153 48.56 2.25 -24.60
N GLY D 154 49.24 2.17 -23.47
CA GLY D 154 49.48 3.35 -22.66
C GLY D 154 48.46 3.61 -21.61
N GLY D 155 47.50 2.70 -21.45
CA GLY D 155 46.47 2.82 -20.42
C GLY D 155 45.54 3.99 -20.66
N TRP D 156 44.66 4.26 -19.69
CA TRP D 156 43.73 5.38 -19.81
C TRP D 156 44.45 6.73 -19.87
N ASP D 157 45.68 6.80 -19.38
CA ASP D 157 46.42 8.06 -19.45
C ASP D 157 46.68 8.43 -20.90
N ALA D 158 46.92 7.42 -21.72
CA ALA D 158 47.17 7.64 -23.14
C ALA D 158 45.90 8.14 -23.82
N PHE D 159 44.76 7.63 -23.35
CA PHE D 159 43.47 8.07 -23.89
C PHE D 159 43.23 9.54 -23.55
N VAL D 160 43.51 9.90 -22.30
CA VAL D 160 43.41 11.28 -21.84
C VAL D 160 44.32 12.18 -22.69
N GLU D 161 45.53 11.70 -22.97
CA GLU D 161 46.48 12.43 -23.81
C GLU D 161 45.97 12.64 -25.24
N LEU D 162 45.37 11.61 -25.82
CA LEU D 162 44.88 11.68 -27.21
C LEU D 162 43.56 12.43 -27.36
N TYR D 163 42.67 12.30 -26.38
CA TYR D 163 41.31 12.81 -26.52
C TYR D 163 40.99 13.99 -25.60
N GLY D 164 41.88 14.28 -24.66
CA GLY D 164 41.72 15.46 -23.82
C GLY D 164 42.19 16.73 -24.53
N ASP E 4 -19.13 0.80 3.13
CA ASP E 4 -18.86 1.99 3.92
C ASP E 4 -17.56 1.84 4.70
N MET E 5 -17.27 0.62 5.11
CA MET E 5 -16.07 0.31 5.89
C MET E 5 -14.82 0.33 5.02
N GLU E 6 -14.97 -0.18 3.80
CA GLU E 6 -13.88 -0.16 2.84
C GLU E 6 -13.55 1.29 2.49
N ASN E 7 -14.58 2.09 2.27
CA ASN E 7 -14.41 3.50 1.94
C ASN E 7 -13.79 4.28 3.08
N LEU E 8 -14.23 3.99 4.30
CA LEU E 8 -13.65 4.61 5.47
C LEU E 8 -12.14 4.37 5.53
N SER E 9 -11.73 3.12 5.38
N SER E 9 -11.75 3.11 5.39
CA SER E 9 -10.30 2.78 5.45
CA SER E 9 -10.33 2.74 5.42
C SER E 9 -9.51 3.46 4.34
C SER E 9 -9.53 3.48 4.35
N ARG E 10 -10.10 3.57 3.15
CA ARG E 10 -9.42 4.26 2.06
C ARG E 10 -9.27 5.75 2.37
N ARG E 11 -10.31 6.35 2.93
CA ARG E 11 -10.21 7.76 3.31
C ARG E 11 -9.12 7.96 4.37
N LEU E 12 -9.04 7.04 5.32
CA LEU E 12 -8.03 7.12 6.38
C LEU E 12 -6.64 6.97 5.81
N LYS E 13 -6.49 5.99 4.94
CA LYS E 13 -5.19 5.69 4.35
C LYS E 13 -4.66 6.83 3.51
N VAL E 14 -5.48 7.37 2.62
N VAL E 14 -5.50 7.38 2.63
CA VAL E 14 -4.99 8.43 1.74
CA VAL E 14 -5.04 8.43 1.73
C VAL E 14 -4.71 9.72 2.52
C VAL E 14 -4.77 9.74 2.47
N THR E 15 -5.58 10.04 3.48
CA THR E 15 -5.36 11.24 4.27
C THR E 15 -4.09 11.01 5.08
N GLY E 16 -3.92 9.79 5.57
N GLY E 16 -3.92 9.79 5.57
CA GLY E 16 -2.71 9.40 6.28
CA GLY E 16 -2.71 9.40 6.28
C GLY E 16 -1.47 9.57 5.40
C GLY E 16 -1.47 9.57 5.40
N ASP E 17 -1.55 9.11 4.17
CA ASP E 17 -0.41 9.18 3.27
C ASP E 17 -0.07 10.63 2.92
N LEU E 18 -1.10 11.46 2.78
CA LEU E 18 -0.91 12.89 2.56
C LEU E 18 -0.12 13.50 3.69
N PHE E 19 -0.53 13.18 4.90
CA PHE E 19 0.14 13.70 6.08
C PHE E 19 1.59 13.29 6.12
N ASP E 20 1.91 12.05 5.78
N ASP E 20 1.84 12.01 5.80
CA ASP E 20 3.29 11.67 5.90
CA ASP E 20 3.20 11.46 5.76
C ASP E 20 4.16 12.27 4.79
C ASP E 20 4.09 12.27 4.82
N ILE E 21 3.55 12.55 3.64
CA ILE E 21 4.29 13.24 2.58
C ILE E 21 4.55 14.70 2.97
N MET E 22 3.58 15.33 3.61
CA MET E 22 3.78 16.71 4.03
C MET E 22 4.85 16.85 5.10
N SER E 23 5.01 15.82 5.95
CA SER E 23 6.00 15.91 7.03
C SER E 23 7.42 15.88 6.49
N GLY E 24 7.57 15.35 5.27
CA GLY E 24 8.88 15.20 4.65
C GLY E 24 9.13 16.18 3.52
N GLY F 3 15.27 11.73 -4.43
CA GLY F 3 15.54 12.87 -5.29
C GLY F 3 14.33 13.77 -5.45
N ASP F 4 14.52 14.90 -6.12
CA ASP F 4 13.45 15.88 -6.33
C ASP F 4 12.24 15.28 -7.05
N MET F 5 12.50 14.43 -8.04
CA MET F 5 11.43 13.97 -8.90
C MET F 5 10.55 12.91 -8.24
N GLU F 6 11.14 12.03 -7.45
CA GLU F 6 10.38 11.04 -6.70
C GLU F 6 9.44 11.73 -5.72
N ASN F 7 9.95 12.79 -5.11
CA ASN F 7 9.18 13.55 -4.15
C ASN F 7 8.03 14.28 -4.84
N LEU F 8 8.34 14.91 -5.97
CA LEU F 8 7.30 15.55 -6.76
C LEU F 8 6.23 14.53 -7.17
N SER F 9 6.64 13.35 -7.63
CA SER F 9 5.66 12.35 -8.04
C SER F 9 4.82 11.85 -6.87
N ARG F 10 5.43 11.72 -5.69
CA ARG F 10 4.67 11.28 -4.52
C ARG F 10 3.66 12.33 -4.11
N ARG F 11 4.05 13.61 -4.24
CA ARG F 11 3.11 14.67 -3.92
C ARG F 11 1.94 14.70 -4.87
N LEU F 12 2.24 14.46 -6.14
CA LEU F 12 1.19 14.45 -7.15
C LEU F 12 0.25 13.28 -6.93
N LYS F 13 0.85 12.13 -6.62
CA LYS F 13 0.12 10.88 -6.42
C LYS F 13 -0.84 10.96 -5.24
N VAL F 14 -0.36 11.41 -4.08
CA VAL F 14 -1.26 11.48 -2.93
C VAL F 14 -2.33 12.58 -3.11
N THR F 15 -2.00 13.69 -3.75
CA THR F 15 -3.01 14.68 -4.03
C THR F 15 -4.05 14.11 -5.00
N GLY F 16 -3.57 13.36 -5.99
CA GLY F 16 -4.46 12.69 -6.93
C GLY F 16 -5.38 11.67 -6.27
N ASP F 17 -4.81 10.84 -5.41
CA ASP F 17 -5.60 9.80 -4.75
C ASP F 17 -6.66 10.41 -3.84
N LEU F 18 -6.31 11.49 -3.15
CA LEU F 18 -7.26 12.17 -2.28
C LEU F 18 -8.39 12.76 -3.11
N PHE F 19 -8.01 13.44 -4.19
CA PHE F 19 -8.97 14.08 -5.09
C PHE F 19 -9.94 13.05 -5.65
N ASP F 20 -9.45 11.85 -5.95
N ASP F 20 -9.41 11.88 -6.00
CA ASP F 20 -10.29 10.84 -6.56
CA ASP F 20 -10.17 10.75 -6.52
C ASP F 20 -11.26 10.16 -5.59
C ASP F 20 -11.28 10.36 -5.56
N ILE F 21 -10.89 10.10 -4.32
CA ILE F 21 -11.78 9.57 -3.30
C ILE F 21 -12.91 10.53 -3.01
N MET F 22 -12.64 11.83 -3.08
CA MET F 22 -13.68 12.82 -2.89
C MET F 22 -14.81 12.71 -3.93
N SER F 23 -14.46 12.81 -5.21
CA SER F 23 -15.45 12.73 -6.28
C SER F 23 -15.80 11.28 -6.61
N ASP G 4 -7.91 -25.09 29.91
CA ASP G 4 -8.31 -23.81 30.48
C ASP G 4 -8.92 -23.99 31.85
N MET G 5 -9.29 -22.87 32.45
CA MET G 5 -9.78 -22.82 33.81
C MET G 5 -10.81 -23.89 34.15
N GLU G 6 -10.62 -24.47 35.33
CA GLU G 6 -11.68 -25.20 35.99
C GLU G 6 -12.78 -24.19 36.26
N ASN G 7 -12.39 -22.92 36.39
CA ASN G 7 -13.33 -21.82 36.54
C ASN G 7 -14.25 -21.69 35.33
N LEU G 8 -13.67 -21.75 34.14
CA LEU G 8 -14.47 -21.63 32.92
C LEU G 8 -15.42 -22.84 32.86
N SER G 9 -14.90 -24.02 33.15
CA SER G 9 -15.71 -25.24 33.13
C SER G 9 -16.90 -25.17 34.09
N ARG G 10 -16.64 -24.71 35.31
CA ARG G 10 -17.67 -24.55 36.32
C ARG G 10 -18.78 -23.61 35.84
N ARG G 11 -18.40 -22.49 35.23
CA ARG G 11 -19.36 -21.51 34.77
C ARG G 11 -20.19 -22.04 33.61
N LEU G 12 -19.54 -22.72 32.67
CA LEU G 12 -20.27 -23.37 31.57
C LEU G 12 -21.25 -24.43 32.09
N LYS G 13 -20.78 -25.24 33.01
CA LYS G 13 -21.57 -26.36 33.51
C LYS G 13 -22.78 -25.85 34.31
N VAL G 14 -22.54 -24.86 35.18
CA VAL G 14 -23.65 -24.34 35.96
C VAL G 14 -24.66 -23.62 35.08
N THR G 15 -24.20 -22.93 34.04
CA THR G 15 -25.12 -22.24 33.16
C THR G 15 -25.89 -23.26 32.31
N GLY G 16 -25.19 -24.27 31.82
CA GLY G 16 -25.84 -25.35 31.08
C GLY G 16 -26.89 -26.06 31.93
N ASP G 17 -26.53 -26.36 33.17
CA ASP G 17 -27.43 -27.11 34.03
C ASP G 17 -28.65 -26.27 34.34
N LEU G 18 -28.46 -24.96 34.53
CA LEU G 18 -29.60 -24.06 34.66
C LEU G 18 -30.55 -24.19 33.47
N PHE G 19 -29.99 -24.14 32.26
CA PHE G 19 -30.83 -24.22 31.07
C PHE G 19 -31.57 -25.54 31.00
N ASP G 20 -30.87 -26.63 31.32
CA ASP G 20 -31.49 -27.94 31.32
C ASP G 20 -32.70 -28.00 32.26
N ILE G 21 -32.54 -27.45 33.46
CA ILE G 21 -33.63 -27.38 34.44
C ILE G 21 -34.81 -26.56 33.92
N MET G 22 -34.53 -25.38 33.40
CA MET G 22 -35.56 -24.48 32.90
C MET G 22 -36.27 -25.04 31.67
N SER G 23 -35.62 -25.99 31.00
CA SER G 23 -36.20 -26.62 29.82
C SER G 23 -37.36 -27.53 30.19
N GLY G 24 -37.37 -28.03 31.43
CA GLY G 24 -38.41 -28.93 31.88
C GLY G 24 -39.41 -28.29 32.84
N ASP H 4 19.58 -4.71 -38.31
CA ASP H 4 19.73 -5.58 -37.15
C ASP H 4 20.96 -5.23 -36.31
N MET H 5 21.41 -6.20 -35.52
CA MET H 5 22.51 -5.98 -34.59
C MET H 5 23.86 -5.94 -35.31
N GLU H 6 24.00 -6.75 -36.36
CA GLU H 6 25.22 -6.73 -37.17
C GLU H 6 25.39 -5.40 -37.89
N ASN H 7 24.29 -4.87 -38.41
CA ASN H 7 24.36 -3.57 -39.07
C ASN H 7 24.62 -2.45 -38.07
N LEU H 8 24.13 -2.62 -36.85
CA LEU H 8 24.39 -1.65 -35.80
C LEU H 8 25.88 -1.66 -35.43
N SER H 9 26.47 -2.84 -35.31
CA SER H 9 27.88 -2.93 -34.94
C SER H 9 28.74 -2.33 -36.04
N ARG H 10 28.33 -2.51 -37.29
CA ARG H 10 29.08 -1.92 -38.40
C ARG H 10 29.04 -0.40 -38.35
N ARG H 11 27.88 0.16 -38.02
CA ARG H 11 27.74 1.61 -37.85
C ARG H 11 28.62 2.12 -36.73
N LEU H 12 28.62 1.41 -35.60
CA LEU H 12 29.46 1.78 -34.47
C LEU H 12 30.92 1.72 -34.86
N LYS H 13 31.28 0.67 -35.60
CA LYS H 13 32.66 0.44 -35.96
C LYS H 13 33.20 1.51 -36.90
N VAL H 14 32.41 1.84 -37.93
N VAL H 14 32.42 1.85 -37.93
CA VAL H 14 32.84 2.87 -38.88
CA VAL H 14 32.86 2.87 -38.87
C VAL H 14 32.96 4.22 -38.17
C VAL H 14 32.94 4.24 -38.20
N THR H 15 32.00 4.54 -37.31
CA THR H 15 32.02 5.81 -36.60
C THR H 15 33.21 5.83 -35.65
N GLY H 16 33.44 4.72 -34.97
CA GLY H 16 34.56 4.61 -34.06
C GLY H 16 35.89 4.76 -34.79
N ASP H 17 36.02 4.12 -35.94
CA ASP H 17 37.28 4.18 -36.68
C ASP H 17 37.50 5.59 -37.23
N LEU H 18 36.44 6.22 -37.69
CA LEU H 18 36.52 7.62 -38.13
C LEU H 18 37.01 8.51 -36.99
N PHE H 19 36.42 8.31 -35.81
CA PHE H 19 36.74 9.07 -34.60
C PHE H 19 38.22 8.90 -34.27
N ASP H 20 38.68 7.65 -34.36
CA ASP H 20 40.04 7.28 -34.02
C ASP H 20 41.05 7.88 -35.00
N ILE H 21 40.72 7.87 -36.28
CA ILE H 21 41.60 8.43 -37.31
C ILE H 21 41.75 9.94 -37.10
N MET H 22 40.65 10.62 -36.80
CA MET H 22 40.67 12.06 -36.64
C MET H 22 41.19 12.47 -35.26
N SER H 23 41.80 11.55 -34.54
CA SER H 23 42.41 11.83 -33.25
C SER H 23 43.91 12.03 -33.42
#